data_3SZK
#
_entry.id   3SZK
#
_cell.length_a   65.880
_cell.length_b   123.206
_cell.length_c   143.933
_cell.angle_alpha   90.00
_cell.angle_beta   90.00
_cell.angle_gamma   90.00
#
_symmetry.space_group_name_H-M   'P 21 21 21'
#
loop_
_entity.id
_entity.type
_entity.pdbx_description
1 polymer 'Hemoglobin subunit alpha'
2 polymer 'Hemoglobin subunit beta'
3 polymer 'Iron-regulated surface determinant protein H'
4 non-polymer 'PROTOPORPHYRIN IX CONTAINING FE'
#
loop_
_entity_poly.entity_id
_entity_poly.type
_entity_poly.pdbx_seq_one_letter_code
_entity_poly.pdbx_strand_id
1 'polypeptide(L)'
;VLSPADKTNVKAAWGKVGAHAGEYGAEALERMFLSFPTTKTYFPHFDLSHGSAQVKGHGKKVADALTNAVAHVDDMPNAL
SALSDLHAHKLRVDPVNFKLLSHCLLVTLAAHLPAEFTPAVHASLDKFLASVSTVLTSKYR
;
D,A
2 'polypeptide(L)'
;VHLTPEEKSAVTALWGKVNVDEVGGEALGRLLVVYPWTQRFFESFGDLSTPDAVMGNPKVKAHGKKVLGAFSDGLAHLDN
LKGTFATLSELHCDKLHVDPENFRLLGNVLVCVLAHHFGKEFTPPVQAAYQKVVAGVANALAHKYH
;
B,E
3 'polypeptide(L)'
;GSSHHHHHHSSGLVPRGSHMADESLKDAIKDPALENKEHDIGPREQVNFQLLDKNNETQYYHFFSIKDPADVYYTKKKAE
VELDINTASTWKKFEVYENNQKLPVRLVSYSPVPEDHAYIRFPVSDGTQELKIVSSTQIDDGEETNYDYTKLVFAKPIYN
DPSL
;
F,C
#
loop_
_chem_comp.id
_chem_comp.type
_chem_comp.name
_chem_comp.formula
HEM non-polymer 'PROTOPORPHYRIN IX CONTAINING FE' 'C34 H32 Fe N4 O4'
#
# COMPACT_ATOMS: atom_id res chain seq x y z
N VAL A 1 -38.28 -11.68 -18.86
CA VAL A 1 -39.11 -12.85 -18.46
C VAL A 1 -38.21 -14.06 -18.21
N LEU A 2 -38.34 -14.66 -17.03
CA LEU A 2 -37.53 -15.81 -16.66
C LEU A 2 -38.07 -17.09 -17.30
N SER A 3 -37.29 -17.66 -18.22
CA SER A 3 -37.66 -18.90 -18.90
C SER A 3 -37.37 -20.10 -18.00
N PRO A 4 -37.93 -21.29 -18.35
CA PRO A 4 -37.60 -22.51 -17.61
C PRO A 4 -36.10 -22.81 -17.58
N ALA A 5 -35.39 -22.42 -18.65
CA ALA A 5 -33.94 -22.53 -18.70
C ALA A 5 -33.28 -21.60 -17.68
N ASP A 6 -33.79 -20.37 -17.58
CA ASP A 6 -33.30 -19.40 -16.59
C ASP A 6 -33.62 -19.84 -15.17
N LYS A 7 -34.85 -20.29 -14.95
CA LYS A 7 -35.26 -20.80 -13.63
C LYS A 7 -34.38 -21.95 -13.16
N THR A 8 -34.01 -22.84 -14.09
CA THR A 8 -33.17 -23.99 -13.78
C THR A 8 -31.75 -23.58 -13.40
N ASN A 9 -31.15 -22.69 -14.20
CA ASN A 9 -29.79 -22.21 -13.96
C ASN A 9 -29.66 -21.52 -12.61
N VAL A 10 -30.66 -20.72 -12.24
CA VAL A 10 -30.65 -19.98 -10.98
C VAL A 10 -30.72 -20.94 -9.79
N LYS A 11 -31.62 -21.93 -9.87
CA LYS A 11 -31.74 -22.95 -8.82
C LYS A 11 -30.45 -23.77 -8.66
N ALA A 12 -29.87 -24.17 -9.79
CA ALA A 12 -28.65 -24.98 -9.78
C ALA A 12 -27.47 -24.20 -9.20
N ALA A 13 -27.26 -22.99 -9.72
CA ALA A 13 -26.15 -22.13 -9.28
C ALA A 13 -26.26 -21.77 -7.81
N TRP A 14 -27.47 -21.38 -7.39
CA TRP A 14 -27.72 -21.04 -5.98
C TRP A 14 -27.64 -22.29 -5.10
N GLY A 15 -27.96 -23.45 -5.67
CA GLY A 15 -27.83 -24.72 -4.97
C GLY A 15 -26.39 -25.12 -4.77
N LYS A 16 -25.54 -24.78 -5.73
CA LYS A 16 -24.09 -25.03 -5.62
C LYS A 16 -23.43 -24.10 -4.60
N VAL A 17 -24.03 -22.92 -4.37
CA VAL A 17 -23.57 -22.03 -3.30
C VAL A 17 -23.87 -22.68 -1.95
N GLY A 18 -25.11 -23.14 -1.79
CA GLY A 18 -25.50 -23.96 -0.65
C GLY A 18 -25.42 -23.26 0.69
N ALA A 19 -24.60 -23.82 1.59
CA ALA A 19 -24.48 -23.32 2.96
C ALA A 19 -23.70 -22.01 3.07
N HIS A 20 -22.99 -21.64 2.01
CA HIS A 20 -22.19 -20.41 2.00
C HIS A 20 -22.99 -19.19 1.51
N ALA A 21 -24.31 -19.22 1.70
CA ALA A 21 -25.17 -18.14 1.23
C ALA A 21 -24.92 -16.85 2.00
N GLY A 22 -24.94 -16.93 3.32
CA GLY A 22 -24.68 -15.79 4.19
C GLY A 22 -23.26 -15.26 4.08
N GLU A 23 -22.32 -16.15 3.81
CA GLU A 23 -20.92 -15.77 3.63
C GLU A 23 -20.72 -15.00 2.32
N TYR A 24 -21.42 -15.42 1.28
CA TYR A 24 -21.34 -14.75 -0.04
C TYR A 24 -22.14 -13.45 -0.01
N GLY A 25 -23.30 -13.47 0.62
CA GLY A 25 -24.14 -12.29 0.77
C GLY A 25 -23.48 -11.19 1.60
N ALA A 26 -22.73 -11.60 2.62
CA ALA A 26 -21.96 -10.67 3.44
C ALA A 26 -20.82 -10.05 2.64
N GLU A 27 -20.20 -10.86 1.78
CA GLU A 27 -19.14 -10.38 0.89
C GLU A 27 -19.69 -9.39 -0.13
N ALA A 28 -20.82 -9.74 -0.74
CA ALA A 28 -21.46 -8.92 -1.76
C ALA A 28 -21.73 -7.49 -1.28
N LEU A 29 -22.24 -7.36 -0.06
CA LEU A 29 -22.49 -6.05 0.55
C LEU A 29 -21.19 -5.27 0.77
N GLU A 30 -20.19 -5.97 1.32
CA GLU A 30 -18.88 -5.37 1.59
C GLU A 30 -18.23 -4.81 0.33
N ARG A 31 -18.48 -5.46 -0.81
CA ARG A 31 -17.99 -4.98 -2.10
C ARG A 31 -18.74 -3.74 -2.56
N MET A 32 -20.06 -3.73 -2.38
CA MET A 32 -20.90 -2.61 -2.79
C MET A 32 -20.52 -1.32 -2.08
N PHE A 33 -20.25 -1.40 -0.78
CA PHE A 33 -19.94 -0.22 0.03
C PHE A 33 -18.60 0.40 -0.34
N LEU A 34 -17.56 -0.43 -0.48
CA LEU A 34 -16.22 0.04 -0.81
C LEU A 34 -16.13 0.55 -2.25
N SER A 35 -16.72 -0.20 -3.18
CA SER A 35 -16.71 0.16 -4.60
C SER A 35 -17.64 1.33 -4.88
N PHE A 36 -18.81 1.35 -4.24
CA PHE A 36 -19.80 2.40 -4.44
C PHE A 36 -20.20 3.04 -3.09
N PRO A 37 -19.48 4.10 -2.68
CA PRO A 37 -19.78 4.80 -1.43
C PRO A 37 -21.16 5.47 -1.39
N THR A 38 -21.78 5.69 -2.55
CA THR A 38 -23.12 6.28 -2.62
C THR A 38 -24.21 5.39 -2.01
N THR A 39 -23.95 4.09 -1.93
CA THR A 39 -24.90 3.14 -1.33
C THR A 39 -24.95 3.22 0.20
N LYS A 40 -23.94 3.85 0.80
CA LYS A 40 -23.89 3.99 2.26
C LYS A 40 -24.92 4.97 2.83
N THR A 41 -25.54 5.77 1.96
CA THR A 41 -26.57 6.72 2.37
C THR A 41 -27.76 6.05 3.08
N TYR A 42 -28.12 4.87 2.62
CA TYR A 42 -29.27 4.13 3.16
C TYR A 42 -28.95 3.38 4.46
N PHE A 43 -27.67 3.37 4.85
CA PHE A 43 -27.23 2.74 6.10
C PHE A 43 -26.44 3.72 6.96
N PRO A 44 -27.10 4.77 7.49
CA PRO A 44 -26.42 5.76 8.33
C PRO A 44 -26.11 5.25 9.74
N HIS A 45 -27.04 4.50 10.34
CA HIS A 45 -26.87 3.95 11.68
C HIS A 45 -26.43 2.49 11.61
N PHE A 46 -25.33 2.26 10.87
CA PHE A 46 -24.77 0.93 10.69
C PHE A 46 -23.25 0.97 10.79
N ASP A 47 -22.66 -0.03 11.43
CA ASP A 47 -21.21 -0.15 11.51
C ASP A 47 -20.70 -0.72 10.18
N LEU A 48 -20.22 0.17 9.31
CA LEU A 48 -19.72 -0.22 8.00
C LEU A 48 -18.19 -0.28 7.98
N SER A 49 -17.62 -0.88 9.03
CA SER A 49 -16.17 -1.09 9.11
C SER A 49 -15.80 -2.38 8.40
N HIS A 50 -14.51 -2.64 8.26
CA HIS A 50 -14.02 -3.85 7.60
C HIS A 50 -14.23 -5.06 8.50
N GLY A 51 -15.02 -6.03 8.00
CA GLY A 51 -15.33 -7.23 8.76
C GLY A 51 -16.28 -6.96 9.91
N SER A 52 -17.35 -6.22 9.63
CA SER A 52 -18.29 -5.80 10.67
C SER A 52 -19.27 -6.91 11.03
N ALA A 53 -19.83 -6.83 12.24
CA ALA A 53 -20.80 -7.81 12.72
C ALA A 53 -22.17 -7.60 12.08
N GLN A 54 -22.57 -6.34 11.94
CA GLN A 54 -23.87 -6.00 11.33
C GLN A 54 -23.88 -6.28 9.83
N VAL A 55 -22.79 -5.98 9.14
CA VAL A 55 -22.67 -6.24 7.71
C VAL A 55 -22.69 -7.75 7.43
N LYS A 56 -22.00 -8.52 8.27
CA LYS A 56 -22.00 -9.98 8.19
C LYS A 56 -23.38 -10.55 8.49
N GLY A 57 -24.07 -9.94 9.46
CA GLY A 57 -25.43 -10.33 9.81
C GLY A 57 -26.46 -9.96 8.76
N HIS A 58 -26.29 -8.78 8.17
CA HIS A 58 -27.22 -8.29 7.15
C HIS A 58 -27.08 -9.06 5.84
N GLY A 59 -25.87 -9.53 5.55
CA GLY A 59 -25.61 -10.38 4.38
C GLY A 59 -26.39 -11.69 4.42
N LYS A 60 -26.56 -12.24 5.62
CA LYS A 60 -27.36 -13.45 5.81
C LYS A 60 -28.84 -13.17 5.52
N LYS A 61 -29.33 -12.02 5.98
CA LYS A 61 -30.73 -11.63 5.75
C LYS A 61 -31.02 -11.44 4.26
N VAL A 62 -30.05 -10.88 3.54
CA VAL A 62 -30.17 -10.71 2.09
C VAL A 62 -30.06 -12.06 1.39
N ALA A 63 -29.12 -12.89 1.84
CA ALA A 63 -28.94 -14.24 1.30
C ALA A 63 -30.19 -15.09 1.50
N ASP A 64 -30.83 -14.95 2.67
CA ASP A 64 -32.07 -15.66 2.96
C ASP A 64 -33.23 -15.15 2.10
N ALA A 65 -33.20 -13.86 1.77
CA ALA A 65 -34.18 -13.28 0.86
C ALA A 65 -34.06 -13.88 -0.54
N LEU A 66 -32.82 -14.02 -1.02
CA LEU A 66 -32.55 -14.64 -2.32
C LEU A 66 -32.93 -16.12 -2.33
N THR A 67 -32.68 -16.80 -1.20
CA THR A 67 -33.07 -18.20 -1.05
C THR A 67 -34.59 -18.35 -1.13
N ASN A 68 -35.30 -17.41 -0.50
CA ASN A 68 -36.76 -17.36 -0.56
C ASN A 68 -37.26 -17.04 -1.98
N ALA A 69 -36.53 -16.18 -2.67
CA ALA A 69 -36.86 -15.82 -4.05
C ALA A 69 -36.64 -16.98 -5.01
N VAL A 70 -35.49 -17.65 -4.87
CA VAL A 70 -35.15 -18.79 -5.72
C VAL A 70 -36.08 -19.98 -5.45
N ALA A 71 -36.42 -20.19 -4.19
CA ALA A 71 -37.34 -21.26 -3.80
C ALA A 71 -38.75 -21.03 -4.36
N HIS A 72 -39.16 -19.76 -4.41
CA HIS A 72 -40.48 -19.39 -4.92
C HIS A 72 -40.35 -18.47 -6.14
N VAL A 73 -39.53 -18.91 -7.10
CA VAL A 73 -39.28 -18.15 -8.33
C VAL A 73 -40.51 -18.10 -9.24
N ASP A 74 -41.40 -19.07 -9.10
CA ASP A 74 -42.63 -19.12 -9.91
C ASP A 74 -43.65 -18.05 -9.49
N ASP A 75 -43.54 -17.58 -8.26
CA ASP A 75 -44.43 -16.54 -7.73
C ASP A 75 -43.65 -15.60 -6.80
N MET A 76 -42.76 -14.82 -7.39
CA MET A 76 -41.88 -13.91 -6.64
C MET A 76 -42.57 -12.74 -5.94
N PRO A 77 -43.48 -12.03 -6.64
CA PRO A 77 -44.12 -10.87 -6.00
C PRO A 77 -44.85 -11.18 -4.69
N ASN A 78 -45.53 -12.32 -4.64
CA ASN A 78 -46.17 -12.78 -3.40
C ASN A 78 -45.15 -13.27 -2.38
N ALA A 79 -44.08 -13.90 -2.85
CA ALA A 79 -43.02 -14.41 -1.97
C ALA A 79 -42.26 -13.27 -1.30
N LEU A 80 -42.05 -12.18 -2.02
CA LEU A 80 -41.35 -11.00 -1.49
C LEU A 80 -42.32 -9.83 -1.28
N SER A 81 -43.49 -10.12 -0.74
CA SER A 81 -44.53 -9.11 -0.52
C SER A 81 -44.11 -8.11 0.56
N ALA A 82 -43.77 -8.64 1.73
CA ALA A 82 -43.37 -7.82 2.87
C ALA A 82 -42.07 -7.08 2.61
N LEU A 83 -41.14 -7.73 1.93
CA LEU A 83 -39.83 -7.14 1.63
C LEU A 83 -39.91 -6.07 0.53
N SER A 84 -40.93 -6.16 -0.31
CA SER A 84 -41.18 -5.14 -1.35
C SER A 84 -41.69 -3.85 -0.72
N ASP A 85 -42.60 -3.98 0.25
CA ASP A 85 -43.16 -2.82 0.96
C ASP A 85 -42.08 -1.99 1.63
N LEU A 86 -41.05 -2.65 2.16
CA LEU A 86 -39.96 -1.98 2.86
C LEU A 86 -39.10 -1.16 1.90
N HIS A 87 -38.61 -1.79 0.84
CA HIS A 87 -37.71 -1.14 -0.12
C HIS A 87 -38.43 -0.14 -1.04
N ALA A 88 -39.73 -0.36 -1.27
CA ALA A 88 -40.50 0.50 -2.17
C ALA A 88 -41.20 1.64 -1.44
N HIS A 89 -42.15 1.29 -0.56
CA HIS A 89 -42.98 2.29 0.11
C HIS A 89 -42.24 3.03 1.23
N LYS A 90 -41.61 2.28 2.12
CA LYS A 90 -41.00 2.85 3.33
C LYS A 90 -39.64 3.50 3.05
N LEU A 91 -38.67 2.70 2.64
CA LEU A 91 -37.29 3.18 2.42
C LEU A 91 -37.16 4.02 1.16
N ARG A 92 -37.95 3.71 0.13
CA ARG A 92 -37.93 4.43 -1.15
C ARG A 92 -36.52 4.42 -1.78
N VAL A 93 -35.94 3.22 -1.89
CA VAL A 93 -34.60 3.05 -2.40
C VAL A 93 -34.58 3.18 -3.93
N ASP A 94 -33.54 3.84 -4.44
CA ASP A 94 -33.41 4.05 -5.88
C ASP A 94 -33.03 2.74 -6.58
N PRO A 95 -33.71 2.39 -7.69
CA PRO A 95 -33.39 1.20 -8.48
C PRO A 95 -31.92 1.06 -8.92
N VAL A 96 -31.20 2.17 -9.06
CA VAL A 96 -29.79 2.14 -9.45
C VAL A 96 -28.92 1.37 -8.44
N ASN A 97 -29.25 1.50 -7.15
CA ASN A 97 -28.52 0.80 -6.09
C ASN A 97 -28.66 -0.72 -6.19
N PHE A 98 -29.81 -1.19 -6.64
CA PHE A 98 -30.05 -2.62 -6.82
C PHE A 98 -29.19 -3.21 -7.94
N LYS A 99 -28.97 -2.43 -9.00
CA LYS A 99 -28.10 -2.86 -10.10
C LYS A 99 -26.63 -2.95 -9.68
N LEU A 100 -26.23 -2.08 -8.74
CA LEU A 100 -24.89 -2.13 -8.18
C LEU A 100 -24.69 -3.37 -7.32
N LEU A 101 -25.68 -3.68 -6.49
CA LEU A 101 -25.65 -4.89 -5.66
C LEU A 101 -25.73 -6.15 -6.53
N SER A 102 -26.61 -6.10 -7.54
CA SER A 102 -26.77 -7.21 -8.50
C SER A 102 -25.44 -7.51 -9.21
N HIS A 103 -24.72 -6.46 -9.57
CA HIS A 103 -23.38 -6.61 -10.15
C HIS A 103 -22.41 -7.20 -9.13
N CYS A 104 -22.47 -6.71 -7.90
CA CYS A 104 -21.60 -7.20 -6.83
C CYS A 104 -21.89 -8.65 -6.46
N LEU A 105 -23.14 -9.09 -6.62
CA LEU A 105 -23.52 -10.48 -6.40
C LEU A 105 -22.96 -11.38 -7.51
N LEU A 106 -23.08 -10.93 -8.74
CA LEU A 106 -22.54 -11.68 -9.89
C LEU A 106 -21.02 -11.81 -9.81
N VAL A 107 -20.35 -10.76 -9.33
CA VAL A 107 -18.90 -10.78 -9.13
C VAL A 107 -18.50 -11.75 -8.02
N THR A 108 -19.32 -11.82 -6.97
CA THR A 108 -19.09 -12.74 -5.85
C THR A 108 -19.22 -14.19 -6.32
N LEU A 109 -20.31 -14.50 -7.01
CA LEU A 109 -20.55 -15.84 -7.54
C LEU A 109 -19.50 -16.25 -8.56
N ALA A 110 -19.05 -15.29 -9.38
CA ALA A 110 -18.01 -15.53 -10.37
C ALA A 110 -16.68 -15.89 -9.71
N ALA A 111 -16.36 -15.21 -8.61
CA ALA A 111 -15.10 -15.41 -7.90
C ALA A 111 -15.01 -16.77 -7.21
N HIS A 112 -16.10 -17.16 -6.54
CA HIS A 112 -16.12 -18.40 -5.75
C HIS A 112 -16.43 -19.64 -6.57
N LEU A 113 -17.34 -19.52 -7.54
CA LEU A 113 -17.76 -20.64 -8.37
C LEU A 113 -17.37 -20.42 -9.84
N PRO A 114 -16.12 -20.77 -10.21
CA PRO A 114 -15.69 -20.59 -11.59
C PRO A 114 -16.26 -21.61 -12.57
N ALA A 115 -16.42 -22.85 -12.13
CA ALA A 115 -16.93 -23.93 -12.98
C ALA A 115 -18.41 -23.76 -13.32
N GLU A 116 -19.20 -23.29 -12.35
CA GLU A 116 -20.64 -23.14 -12.52
C GLU A 116 -21.03 -21.84 -13.22
N PHE A 117 -20.20 -20.81 -13.10
CA PHE A 117 -20.49 -19.49 -13.68
C PHE A 117 -20.20 -19.50 -15.19
N THR A 118 -21.05 -20.20 -15.94
CA THR A 118 -20.96 -20.24 -17.40
C THR A 118 -21.71 -19.05 -17.99
N PRO A 119 -21.33 -18.60 -19.20
CA PRO A 119 -22.04 -17.54 -19.91
C PRO A 119 -23.57 -17.65 -19.91
N ALA A 120 -24.08 -18.88 -19.96
CA ALA A 120 -25.53 -19.12 -19.87
C ALA A 120 -26.06 -18.78 -18.48
N VAL A 121 -25.36 -19.26 -17.45
CA VAL A 121 -25.74 -19.00 -16.06
C VAL A 121 -25.58 -17.53 -15.69
N HIS A 122 -24.53 -16.90 -16.21
CA HIS A 122 -24.33 -15.46 -16.08
C HIS A 122 -25.60 -14.73 -16.53
N ALA A 123 -26.06 -15.07 -17.74
CA ALA A 123 -27.25 -14.47 -18.32
C ALA A 123 -28.50 -14.70 -17.48
N SER A 124 -28.64 -15.90 -16.94
CA SER A 124 -29.81 -16.27 -16.13
C SER A 124 -29.81 -15.56 -14.78
N LEU A 125 -28.64 -15.48 -14.14
CA LEU A 125 -28.51 -14.84 -12.83
C LEU A 125 -28.76 -13.33 -12.91
N ASP A 126 -28.15 -12.68 -13.91
CA ASP A 126 -28.34 -11.25 -14.14
C ASP A 126 -29.82 -10.94 -14.45
N LYS A 127 -30.46 -11.85 -15.18
CA LYS A 127 -31.88 -11.72 -15.50
C LYS A 127 -32.75 -11.97 -14.27
N PHE A 128 -32.35 -12.95 -13.45
CA PHE A 128 -33.06 -13.26 -12.19
C PHE A 128 -32.92 -12.12 -11.19
N LEU A 129 -31.69 -11.64 -10.99
CA LEU A 129 -31.41 -10.55 -10.05
C LEU A 129 -32.08 -9.25 -10.48
N ALA A 130 -32.20 -9.04 -11.80
CA ALA A 130 -32.92 -7.88 -12.33
C ALA A 130 -34.42 -7.98 -12.04
N SER A 131 -34.94 -9.20 -12.00
CA SER A 131 -36.36 -9.44 -11.73
C SER A 131 -36.67 -9.22 -10.24
N VAL A 132 -35.80 -9.73 -9.36
CA VAL A 132 -35.97 -9.52 -7.92
C VAL A 132 -35.81 -8.04 -7.55
N SER A 133 -34.97 -7.32 -8.30
CA SER A 133 -34.81 -5.88 -8.12
C SER A 133 -36.11 -5.14 -8.48
N THR A 134 -36.74 -5.57 -9.57
CA THR A 134 -38.01 -4.99 -10.02
C THR A 134 -39.13 -5.20 -9.00
N VAL A 135 -39.15 -6.36 -8.37
CA VAL A 135 -40.18 -6.68 -7.38
C VAL A 135 -40.03 -5.84 -6.11
N LEU A 136 -38.79 -5.70 -5.63
CA LEU A 136 -38.50 -4.97 -4.41
C LEU A 136 -38.64 -3.45 -4.58
N THR A 137 -38.25 -2.94 -5.74
CA THR A 137 -38.30 -1.50 -6.02
C THR A 137 -39.71 -1.00 -6.42
N SER A 138 -40.60 -1.91 -6.81
CA SER A 138 -41.93 -1.54 -7.26
C SER A 138 -42.94 -1.48 -6.10
N LYS A 139 -43.90 -0.56 -6.22
CA LYS A 139 -44.92 -0.35 -5.19
C LYS A 139 -46.21 -1.08 -5.59
N TYR A 140 -46.74 -1.89 -4.68
CA TYR A 140 -47.97 -2.63 -4.91
C TYR A 140 -49.12 -2.07 -4.07
N HIS B 2 6.62 -8.91 10.03
CA HIS B 2 6.47 -9.27 11.47
C HIS B 2 6.52 -8.02 12.35
N LEU B 3 5.38 -7.36 12.49
CA LEU B 3 5.27 -6.13 13.28
C LEU B 3 4.17 -6.25 14.33
N THR B 4 4.21 -5.35 15.32
CA THR B 4 3.19 -5.26 16.36
C THR B 4 1.98 -4.51 15.79
N PRO B 5 0.81 -4.60 16.44
CA PRO B 5 -0.36 -3.89 15.92
C PRO B 5 -0.23 -2.36 15.97
N GLU B 6 0.50 -1.85 16.95
CA GLU B 6 0.79 -0.41 17.04
C GLU B 6 1.73 0.03 15.92
N GLU B 7 2.73 -0.80 15.64
CA GLU B 7 3.68 -0.53 14.57
C GLU B 7 3.01 -0.56 13.19
N LYS B 8 2.12 -1.53 12.99
CA LYS B 8 1.38 -1.63 11.72
C LYS B 8 0.49 -0.42 11.49
N SER B 9 -0.13 0.08 12.55
CA SER B 9 -0.99 1.25 12.47
C SER B 9 -0.19 2.54 12.32
N ALA B 10 0.91 2.66 13.06
CA ALA B 10 1.75 3.85 13.04
C ALA B 10 2.48 4.03 11.71
N VAL B 11 3.04 2.94 11.19
CA VAL B 11 3.77 2.96 9.92
C VAL B 11 2.85 3.25 8.74
N THR B 12 1.73 2.54 8.66
CA THR B 12 0.76 2.72 7.58
C THR B 12 0.17 4.14 7.60
N ALA B 13 -0.03 4.69 8.79
CA ALA B 13 -0.57 6.04 8.95
C ALA B 13 0.45 7.08 8.52
N LEU B 14 1.70 6.86 8.93
CA LEU B 14 2.79 7.75 8.55
C LEU B 14 3.00 7.73 7.04
N TRP B 15 2.92 6.54 6.44
CA TRP B 15 3.16 6.38 5.00
C TRP B 15 2.08 7.05 4.15
N GLY B 16 0.86 7.13 4.69
CA GLY B 16 -0.25 7.78 3.98
C GLY B 16 -0.05 9.26 3.71
N LYS B 17 0.71 9.92 4.59
CA LYS B 17 0.98 11.36 4.46
C LYS B 17 2.20 11.68 3.60
N VAL B 18 2.81 10.66 2.99
CA VAL B 18 4.03 10.84 2.21
C VAL B 18 3.76 11.50 0.86
N ASN B 19 4.55 12.53 0.54
CA ASN B 19 4.48 13.22 -0.75
C ASN B 19 5.15 12.36 -1.83
N VAL B 20 4.34 11.62 -2.57
CA VAL B 20 4.85 10.57 -3.48
C VAL B 20 5.65 11.12 -4.67
N ASP B 21 5.29 12.31 -5.16
CA ASP B 21 5.92 12.89 -6.35
C ASP B 21 7.38 13.32 -6.12
N GLU B 22 7.74 13.61 -4.88
CA GLU B 22 9.06 14.18 -4.56
C GLU B 22 9.92 13.36 -3.59
N VAL B 23 9.29 12.71 -2.60
CA VAL B 23 10.02 12.01 -1.52
C VAL B 23 10.95 10.91 -2.04
N GLY B 24 10.51 10.18 -3.06
CA GLY B 24 11.33 9.12 -3.65
C GLY B 24 12.58 9.62 -4.34
N GLY B 25 12.48 10.80 -4.97
CA GLY B 25 13.61 11.41 -5.65
C GLY B 25 14.66 11.92 -4.70
N GLU B 26 14.22 12.36 -3.52
CA GLU B 26 15.13 12.79 -2.47
C GLU B 26 15.93 11.62 -1.92
N ALA B 27 15.27 10.46 -1.78
CA ALA B 27 15.94 9.25 -1.28
C ALA B 27 17.00 8.77 -2.26
N LEU B 28 16.61 8.61 -3.53
CA LEU B 28 17.54 8.21 -4.58
C LEU B 28 18.60 9.28 -4.83
N GLY B 29 18.17 10.54 -4.79
CA GLY B 29 19.08 11.67 -5.01
C GLY B 29 20.15 11.79 -3.95
N ARG B 30 19.77 11.62 -2.69
CA ARG B 30 20.72 11.69 -1.57
C ARG B 30 21.72 10.52 -1.62
N LEU B 31 21.25 9.35 -2.06
CA LEU B 31 22.13 8.19 -2.24
C LEU B 31 23.27 8.53 -3.20
N LEU B 32 22.94 9.21 -4.29
CA LEU B 32 23.93 9.62 -5.30
C LEU B 32 24.87 10.70 -4.78
N VAL B 33 24.38 11.58 -3.91
CA VAL B 33 25.18 12.67 -3.36
C VAL B 33 26.06 12.19 -2.20
N VAL B 34 25.45 11.46 -1.26
CA VAL B 34 26.14 10.96 -0.08
C VAL B 34 27.11 9.84 -0.43
N TYR B 35 26.68 8.94 -1.30
CA TYR B 35 27.49 7.79 -1.72
C TYR B 35 27.71 7.85 -3.24
N PRO B 36 28.64 8.71 -3.70
CA PRO B 36 28.81 9.01 -5.13
C PRO B 36 29.23 7.84 -6.04
N TRP B 37 29.74 6.75 -5.46
CA TRP B 37 30.11 5.57 -6.25
C TRP B 37 28.91 4.84 -6.86
N THR B 38 27.74 5.05 -6.30
CA THR B 38 26.51 4.45 -6.82
C THR B 38 26.02 5.12 -8.12
N GLN B 39 26.55 6.31 -8.42
CA GLN B 39 26.29 6.98 -9.71
C GLN B 39 26.73 6.12 -10.90
N ARG B 40 27.64 5.18 -10.64
CA ARG B 40 28.13 4.24 -11.65
C ARG B 40 27.03 3.38 -12.28
N PHE B 41 25.98 3.09 -11.51
CA PHE B 41 24.85 2.31 -11.99
C PHE B 41 23.84 3.13 -12.78
N PHE B 42 23.87 4.45 -12.60
CA PHE B 42 22.91 5.35 -13.26
C PHE B 42 23.61 6.33 -14.20
N GLU B 43 24.42 5.82 -15.11
CA GLU B 43 25.13 6.66 -16.08
C GLU B 43 24.22 7.13 -17.22
N SER B 44 23.13 6.40 -17.44
CA SER B 44 22.16 6.76 -18.48
C SER B 44 21.23 7.91 -18.06
N PHE B 45 21.23 8.25 -16.77
CA PHE B 45 20.37 9.31 -16.24
C PHE B 45 20.80 10.70 -16.67
N GLY B 46 22.08 10.86 -17.00
CA GLY B 46 22.60 12.12 -17.52
C GLY B 46 23.44 12.88 -16.50
N ASP B 47 23.06 14.13 -16.24
CA ASP B 47 23.86 15.02 -15.40
C ASP B 47 23.75 14.68 -13.91
N LEU B 48 24.87 14.25 -13.32
CA LEU B 48 24.97 13.97 -11.90
C LEU B 48 26.22 14.62 -11.32
N SER B 49 26.57 15.79 -11.85
CA SER B 49 27.83 16.47 -11.48
C SER B 49 27.74 17.12 -10.10
N THR B 50 26.71 17.92 -9.88
CA THR B 50 26.52 18.61 -8.60
C THR B 50 25.22 18.15 -7.93
N PRO B 51 25.12 18.33 -6.59
CA PRO B 51 23.91 17.96 -5.84
C PRO B 51 22.62 18.57 -6.39
N ASP B 52 22.68 19.85 -6.78
CA ASP B 52 21.50 20.54 -7.33
C ASP B 52 21.02 19.91 -8.65
N ALA B 53 21.98 19.49 -9.48
CA ALA B 53 21.66 18.81 -10.74
C ALA B 53 21.16 17.39 -10.48
N VAL B 54 21.79 16.70 -9.52
CA VAL B 54 21.39 15.34 -9.15
C VAL B 54 19.94 15.30 -8.64
N MET B 55 19.63 16.18 -7.70
CA MET B 55 18.30 16.24 -7.10
C MET B 55 17.28 16.78 -8.11
N GLY B 56 17.72 17.71 -8.96
CA GLY B 56 16.85 18.34 -9.96
C GLY B 56 16.72 17.58 -11.27
N ASN B 57 17.32 16.40 -11.36
CA ASN B 57 17.23 15.58 -12.56
C ASN B 57 15.83 14.96 -12.67
N PRO B 58 15.12 15.19 -13.80
CA PRO B 58 13.78 14.61 -13.97
C PRO B 58 13.75 13.08 -13.96
N LYS B 59 14.84 12.44 -14.37
CA LYS B 59 14.93 10.98 -14.38
C LYS B 59 15.11 10.40 -12.98
N VAL B 60 15.84 11.11 -12.12
CA VAL B 60 16.05 10.69 -10.74
C VAL B 60 14.74 10.75 -9.93
N LYS B 61 13.94 11.79 -10.18
CA LYS B 61 12.63 11.93 -9.56
C LYS B 61 11.69 10.84 -10.03
N ALA B 62 11.60 10.69 -11.34
CA ALA B 62 10.75 9.67 -11.96
C ALA B 62 11.11 8.28 -11.45
N HIS B 63 12.40 7.99 -11.36
CA HIS B 63 12.86 6.71 -10.84
C HIS B 63 12.68 6.59 -9.32
N GLY B 64 12.68 7.73 -8.63
CA GLY B 64 12.40 7.76 -7.21
C GLY B 64 10.99 7.28 -6.88
N LYS B 65 10.03 7.67 -7.71
CA LYS B 65 8.64 7.24 -7.55
C LYS B 65 8.49 5.73 -7.74
N LYS B 66 9.29 5.15 -8.65
CA LYS B 66 9.29 3.71 -8.89
C LYS B 66 9.81 2.94 -7.67
N VAL B 67 10.80 3.51 -7.01
CA VAL B 67 11.37 2.91 -5.79
C VAL B 67 10.38 2.96 -4.63
N LEU B 68 9.66 4.08 -4.51
CA LEU B 68 8.57 4.20 -3.55
C LEU B 68 7.41 3.25 -3.88
N GLY B 69 7.20 3.03 -5.19
CA GLY B 69 6.24 2.02 -5.64
C GLY B 69 6.63 0.62 -5.23
N ALA B 70 7.94 0.38 -5.13
CA ALA B 70 8.47 -0.90 -4.64
C ALA B 70 8.21 -1.08 -3.15
N PHE B 71 8.44 -0.02 -2.37
CA PHE B 71 8.19 -0.06 -0.93
C PHE B 71 6.70 -0.16 -0.60
N SER B 72 5.87 0.47 -1.43
CA SER B 72 4.41 0.36 -1.28
C SER B 72 3.93 -1.08 -1.42
N ASP B 73 4.57 -1.83 -2.32
CA ASP B 73 4.30 -3.26 -2.49
C ASP B 73 4.76 -4.05 -1.27
N GLY B 74 5.92 -3.66 -0.72
CA GLY B 74 6.47 -4.28 0.48
C GLY B 74 5.64 -4.03 1.72
N LEU B 75 5.18 -2.79 1.89
CA LEU B 75 4.29 -2.43 2.99
C LEU B 75 2.91 -3.07 2.85
N ALA B 76 2.55 -3.42 1.62
CA ALA B 76 1.30 -4.15 1.35
C ALA B 76 1.43 -5.63 1.72
N HIS B 77 2.60 -6.21 1.48
CA HIS B 77 2.82 -7.64 1.70
C HIS B 77 4.04 -7.91 2.60
N LEU B 78 3.87 -7.70 3.90
CA LEU B 78 4.92 -8.03 4.87
C LEU B 78 5.03 -9.54 5.11
N ASP B 79 3.95 -10.26 4.84
CA ASP B 79 3.91 -11.71 5.03
C ASP B 79 4.85 -12.42 4.06
N ASN B 80 4.77 -12.06 2.79
CA ASN B 80 5.59 -12.67 1.74
C ASN B 80 6.38 -11.61 0.99
N LEU B 81 7.51 -11.20 1.58
CA LEU B 81 8.38 -10.19 0.98
C LEU B 81 9.20 -10.76 -0.17
N LYS B 82 9.81 -11.93 0.06
CA LYS B 82 10.63 -12.58 -0.96
C LYS B 82 9.83 -12.90 -2.23
N GLY B 83 8.57 -13.30 -2.05
CA GLY B 83 7.67 -13.54 -3.16
C GLY B 83 7.32 -12.28 -3.93
N THR B 84 7.15 -11.17 -3.21
CA THR B 84 6.86 -9.88 -3.82
C THR B 84 8.08 -9.35 -4.57
N PHE B 85 9.21 -9.28 -3.87
CA PHE B 85 10.47 -8.81 -4.46
C PHE B 85 11.23 -9.99 -5.07
N ALA B 86 10.59 -10.65 -6.04
CA ALA B 86 11.19 -11.77 -6.75
C ALA B 86 11.81 -11.27 -8.05
N THR B 87 11.00 -10.55 -8.85
CA THR B 87 11.44 -10.00 -10.12
C THR B 87 12.54 -8.96 -9.94
N LEU B 88 12.41 -8.13 -8.90
CA LEU B 88 13.39 -7.08 -8.60
C LEU B 88 14.70 -7.65 -8.09
N SER B 89 14.62 -8.73 -7.30
CA SER B 89 15.82 -9.43 -6.83
C SER B 89 16.66 -9.95 -7.99
N GLU B 90 15.99 -10.41 -9.05
CA GLU B 90 16.68 -10.92 -10.23
C GLU B 90 17.21 -9.80 -11.15
N LEU B 91 16.54 -8.64 -11.20
CA LEU B 91 17.06 -7.47 -11.94
C LEU B 91 18.31 -6.89 -11.27
N HIS B 92 18.26 -6.76 -9.94
CA HIS B 92 19.34 -6.09 -9.19
C HIS B 92 20.59 -6.95 -8.99
N CYS B 93 20.41 -8.20 -8.60
CA CYS B 93 21.55 -9.07 -8.29
C CYS B 93 22.24 -9.66 -9.52
N ASP B 94 21.52 -9.73 -10.64
CA ASP B 94 22.03 -10.39 -11.85
C ASP B 94 22.23 -9.42 -13.00
N LYS B 95 21.15 -8.86 -13.51
CA LYS B 95 21.20 -7.96 -14.68
C LYS B 95 22.03 -6.71 -14.36
N LEU B 96 21.69 -6.04 -13.26
CA LEU B 96 22.40 -4.85 -12.81
C LEU B 96 23.62 -5.21 -11.97
N HIS B 97 23.45 -6.21 -11.09
CA HIS B 97 24.53 -6.74 -10.24
C HIS B 97 25.00 -5.72 -9.19
N VAL B 98 24.07 -5.29 -8.35
CA VAL B 98 24.34 -4.34 -7.28
C VAL B 98 24.78 -5.09 -6.01
N ASP B 99 25.68 -4.47 -5.24
CA ASP B 99 26.15 -5.05 -3.99
C ASP B 99 25.04 -4.98 -2.93
N PRO B 100 24.74 -6.12 -2.27
CA PRO B 100 23.71 -6.18 -1.23
C PRO B 100 23.76 -5.05 -0.19
N GLU B 101 24.96 -4.57 0.11
CA GLU B 101 25.14 -3.47 1.08
C GLU B 101 24.50 -2.15 0.60
N ASN B 102 24.40 -1.95 -0.71
CA ASN B 102 23.81 -0.73 -1.26
C ASN B 102 22.29 -0.63 -1.01
N PHE B 103 21.65 -1.75 -0.71
CA PHE B 103 20.23 -1.75 -0.32
C PHE B 103 20.07 -1.23 1.11
N ARG B 104 21.03 -1.57 1.98
CA ARG B 104 21.03 -1.09 3.36
C ARG B 104 21.14 0.44 3.46
N LEU B 105 21.82 1.05 2.49
CA LEU B 105 22.01 2.50 2.47
C LEU B 105 20.73 3.21 2.10
N LEU B 106 20.20 2.82 0.96
CA LEU B 106 18.99 3.44 0.42
C LEU B 106 17.87 3.42 1.43
N GLY B 107 17.70 2.27 2.08
CA GLY B 107 16.73 2.14 3.16
C GLY B 107 16.98 3.15 4.26
N ASN B 108 18.24 3.29 4.66
CA ASN B 108 18.64 4.28 5.66
C ASN B 108 18.52 5.71 5.13
N VAL B 109 18.90 5.92 3.88
CA VAL B 109 18.73 7.22 3.21
C VAL B 109 17.24 7.56 3.11
N LEU B 110 16.42 6.55 2.86
CA LEU B 110 14.97 6.72 2.83
C LEU B 110 14.46 7.08 4.23
N VAL B 111 14.95 6.37 5.25
CA VAL B 111 14.60 6.66 6.64
C VAL B 111 14.96 8.10 7.03
N CYS B 112 16.12 8.57 6.58
CA CYS B 112 16.54 9.95 6.79
C CYS B 112 15.60 10.94 6.13
N VAL B 113 15.16 10.63 4.91
CA VAL B 113 14.23 11.51 4.19
C VAL B 113 12.89 11.59 4.91
N LEU B 114 12.40 10.47 5.43
CA LEU B 114 11.16 10.44 6.19
C LEU B 114 11.27 11.28 7.48
N ALA B 115 12.35 11.11 8.22
CA ALA B 115 12.64 11.94 9.39
C ALA B 115 12.80 13.40 9.01
N HIS B 116 13.41 13.66 7.85
CA HIS B 116 13.63 15.02 7.36
C HIS B 116 12.31 15.74 7.02
N HIS B 117 11.38 15.01 6.42
CA HIS B 117 10.07 15.56 6.07
C HIS B 117 9.17 15.73 7.29
N PHE B 118 8.88 14.62 7.98
CA PHE B 118 7.93 14.62 9.08
C PHE B 118 8.48 15.21 10.38
N GLY B 119 9.80 15.27 10.51
CA GLY B 119 10.46 15.96 11.62
C GLY B 119 10.22 15.30 12.97
N LYS B 120 9.70 16.08 13.91
CA LYS B 120 9.45 15.61 15.29
C LYS B 120 8.36 14.54 15.36
N GLU B 121 7.50 14.48 14.34
CA GLU B 121 6.47 13.44 14.25
C GLU B 121 7.10 12.06 14.01
N PHE B 122 8.23 12.04 13.30
CA PHE B 122 8.97 10.80 13.06
C PHE B 122 9.73 10.39 14.33
N THR B 123 8.99 9.83 15.28
CA THR B 123 9.52 9.50 16.61
C THR B 123 10.37 8.23 16.59
N PRO B 124 11.18 8.00 17.64
CA PRO B 124 12.04 6.81 17.70
C PRO B 124 11.33 5.46 17.57
N PRO B 125 10.16 5.27 18.24
CA PRO B 125 9.44 4.02 18.07
C PRO B 125 8.97 3.77 16.64
N VAL B 126 8.60 4.84 15.94
CA VAL B 126 8.18 4.75 14.54
C VAL B 126 9.36 4.36 13.65
N GLN B 127 10.52 4.98 13.89
CA GLN B 127 11.75 4.64 13.18
C GLN B 127 12.06 3.14 13.33
N ALA B 128 12.04 2.66 14.56
CA ALA B 128 12.31 1.25 14.86
C ALA B 128 11.47 0.30 14.01
N ALA B 129 10.22 0.69 13.74
CA ALA B 129 9.33 -0.08 12.88
C ALA B 129 9.81 -0.02 11.43
N TYR B 130 10.15 1.17 10.95
CA TYR B 130 10.61 1.37 9.58
C TYR B 130 11.97 0.72 9.29
N GLN B 131 12.81 0.60 10.32
CA GLN B 131 14.10 -0.09 10.18
C GLN B 131 13.91 -1.57 9.88
N LYS B 132 12.93 -2.19 10.55
CA LYS B 132 12.57 -3.58 10.28
C LYS B 132 11.92 -3.73 8.91
N VAL B 133 11.15 -2.72 8.51
CA VAL B 133 10.52 -2.69 7.18
C VAL B 133 11.58 -2.55 6.09
N VAL B 134 12.52 -1.64 6.32
CA VAL B 134 13.65 -1.43 5.41
C VAL B 134 14.56 -2.66 5.34
N ALA B 135 14.80 -3.28 6.49
CA ALA B 135 15.65 -4.47 6.58
C ALA B 135 15.06 -5.66 5.82
N GLY B 136 13.73 -5.81 5.89
CA GLY B 136 13.03 -6.87 5.18
C GLY B 136 13.16 -6.77 3.67
N VAL B 137 13.03 -5.55 3.15
CA VAL B 137 13.16 -5.31 1.72
C VAL B 137 14.61 -5.52 1.26
N ALA B 138 15.56 -5.15 2.11
CA ALA B 138 16.99 -5.34 1.82
C ALA B 138 17.32 -6.83 1.64
N ASN B 139 16.79 -7.66 2.53
CA ASN B 139 16.97 -9.11 2.44
C ASN B 139 16.17 -9.72 1.30
N ALA B 140 15.03 -9.12 0.97
CA ALA B 140 14.18 -9.57 -0.13
C ALA B 140 14.88 -9.42 -1.48
N LEU B 141 15.54 -8.30 -1.68
CA LEU B 141 16.33 -8.05 -2.90
C LEU B 141 17.53 -9.01 -2.97
N ALA B 142 18.14 -9.30 -1.83
CA ALA B 142 19.28 -10.22 -1.76
C ALA B 142 18.87 -11.67 -2.00
N HIS B 143 17.65 -12.02 -1.60
CA HIS B 143 17.10 -13.36 -1.80
C HIS B 143 17.87 -14.42 -1.01
N THR C 12 0.61 -1.43 -10.00
CA THR C 12 -0.62 -2.06 -10.57
C THR C 12 -0.32 -3.48 -11.04
N ALA C 13 0.03 -4.35 -10.10
CA ALA C 13 0.29 -5.77 -10.39
C ALA C 13 -0.99 -6.49 -10.80
N LEU C 14 -2.13 -5.97 -10.33
CA LEU C 14 -3.46 -6.43 -10.74
C LEU C 14 -3.57 -6.86 -12.21
N TRP C 15 -3.15 -5.99 -13.12
CA TRP C 15 -3.29 -6.24 -14.56
C TRP C 15 -2.11 -7.03 -15.14
N GLY C 16 -1.01 -7.10 -14.39
CA GLY C 16 0.20 -7.81 -14.83
C GLY C 16 0.04 -9.30 -15.05
N LYS C 17 -0.93 -9.92 -14.37
CA LYS C 17 -1.16 -11.37 -14.47
C LYS C 17 -2.38 -11.71 -15.32
N VAL C 18 -2.73 -10.85 -16.27
CA VAL C 18 -3.90 -11.06 -17.13
C VAL C 18 -3.51 -11.82 -18.40
N ASN C 19 -4.44 -12.64 -18.90
CA ASN C 19 -4.26 -13.35 -20.17
C ASN C 19 -4.76 -12.48 -21.32
N VAL C 20 -3.86 -12.18 -22.26
CA VAL C 20 -4.17 -11.23 -23.34
C VAL C 20 -5.00 -11.87 -24.46
N ASP C 21 -4.71 -13.12 -24.79
CA ASP C 21 -5.30 -13.79 -25.96
C ASP C 21 -6.65 -14.45 -25.72
N GLU C 22 -7.16 -14.43 -24.48
CA GLU C 22 -8.41 -15.15 -24.15
C GLU C 22 -9.39 -14.37 -23.26
N VAL C 23 -8.89 -13.53 -22.35
CA VAL C 23 -9.75 -12.75 -21.46
C VAL C 23 -10.55 -11.70 -22.21
N GLY C 24 -9.97 -11.13 -23.25
CA GLY C 24 -10.65 -10.14 -24.09
C GLY C 24 -11.90 -10.69 -24.74
N GLY C 25 -11.79 -11.87 -25.34
CA GLY C 25 -12.92 -12.54 -25.97
C GLY C 25 -13.95 -13.04 -24.96
N GLU C 26 -13.50 -13.28 -23.73
CA GLU C 26 -14.38 -13.69 -22.64
C GLU C 26 -15.36 -12.58 -22.28
N ALA C 27 -14.86 -11.36 -22.19
CA ALA C 27 -15.68 -10.21 -21.80
C ALA C 27 -16.70 -9.84 -22.87
N LEU C 28 -16.26 -9.73 -24.12
CA LEU C 28 -17.14 -9.40 -25.24
C LEU C 28 -18.12 -10.54 -25.52
N GLY C 29 -17.66 -11.78 -25.36
CA GLY C 29 -18.50 -12.95 -25.57
C GLY C 29 -19.67 -13.02 -24.60
N ARG C 30 -19.42 -12.65 -23.35
CA ARG C 30 -20.47 -12.62 -22.32
C ARG C 30 -21.44 -11.46 -22.54
N LEU C 31 -20.94 -10.33 -23.05
CA LEU C 31 -21.78 -9.18 -23.35
C LEU C 31 -22.87 -9.54 -24.37
N LEU C 32 -22.50 -10.33 -25.38
CA LEU C 32 -23.43 -10.78 -26.42
C LEU C 32 -24.43 -11.80 -25.87
N VAL C 33 -23.98 -12.66 -24.95
CA VAL C 33 -24.84 -13.69 -24.37
C VAL C 33 -25.76 -13.11 -23.28
N VAL C 34 -25.19 -12.30 -22.39
CA VAL C 34 -25.95 -11.71 -21.28
C VAL C 34 -26.89 -10.60 -21.75
N TYR C 35 -26.46 -9.83 -22.74
CA TYR C 35 -27.25 -8.73 -23.30
C TYR C 35 -27.42 -8.92 -24.82
N PRO C 36 -28.33 -9.84 -25.23
CA PRO C 36 -28.57 -10.18 -26.64
C PRO C 36 -28.71 -9.02 -27.62
N TRP C 37 -29.24 -7.89 -27.17
CA TRP C 37 -29.45 -6.73 -28.04
C TRP C 37 -28.16 -6.08 -28.56
N THR C 38 -27.03 -6.36 -27.90
CA THR C 38 -25.72 -5.89 -28.37
C THR C 38 -25.25 -6.63 -29.63
N GLN C 39 -25.92 -7.74 -29.96
CA GLN C 39 -25.57 -8.55 -31.13
C GLN C 39 -25.95 -7.87 -32.46
N ARG C 40 -26.87 -6.91 -32.41
CA ARG C 40 -27.29 -6.19 -33.62
C ARG C 40 -26.25 -5.18 -34.10
N PHE C 41 -25.29 -4.85 -33.24
CA PHE C 41 -24.14 -4.02 -33.62
C PHE C 41 -23.02 -4.88 -34.24
N PHE C 42 -23.09 -6.20 -34.03
CA PHE C 42 -22.10 -7.13 -34.56
C PHE C 42 -22.75 -8.15 -35.50
N GLU C 43 -23.48 -7.64 -36.50
CA GLU C 43 -24.13 -8.51 -37.48
C GLU C 43 -23.13 -9.12 -38.47
N SER C 44 -22.02 -8.43 -38.70
CA SER C 44 -21.00 -8.87 -39.65
C SER C 44 -20.23 -10.12 -39.20
N PHE C 45 -20.21 -10.37 -37.89
CA PHE C 45 -19.45 -11.52 -37.35
C PHE C 45 -20.11 -12.87 -37.61
N GLY C 46 -21.36 -12.87 -38.06
CA GLY C 46 -22.04 -14.09 -38.49
C GLY C 46 -22.84 -14.78 -37.41
N ASP C 47 -22.42 -15.99 -37.05
CA ASP C 47 -23.18 -16.84 -36.14
C ASP C 47 -23.02 -16.41 -34.68
N LEU C 48 -24.14 -15.98 -34.07
CA LEU C 48 -24.19 -15.64 -32.66
C LEU C 48 -25.49 -16.14 -32.01
N SER C 49 -25.98 -17.28 -32.48
CA SER C 49 -27.26 -17.84 -32.01
C SER C 49 -27.11 -18.47 -30.63
N THR C 50 -26.24 -19.48 -30.53
CA THR C 50 -26.00 -20.20 -29.29
C THR C 50 -24.80 -19.58 -28.55
N PRO C 51 -24.83 -19.56 -27.20
CA PRO C 51 -23.68 -19.14 -26.41
C PRO C 51 -22.39 -19.90 -26.75
N ASP C 52 -22.51 -21.20 -27.03
CA ASP C 52 -21.36 -22.01 -27.44
C ASP C 52 -20.77 -21.51 -28.76
N ALA C 53 -21.64 -21.07 -29.67
CA ALA C 53 -21.22 -20.52 -30.96
C ALA C 53 -20.62 -19.12 -30.79
N VAL C 54 -21.18 -18.32 -29.90
CA VAL C 54 -20.73 -16.95 -29.67
C VAL C 54 -19.34 -16.91 -29.03
N MET C 55 -19.14 -17.73 -28.00
CA MET C 55 -17.85 -17.80 -27.30
C MET C 55 -16.76 -18.41 -28.19
N GLY C 56 -17.14 -19.36 -29.03
CA GLY C 56 -16.22 -20.03 -29.95
C GLY C 56 -15.98 -19.30 -31.25
N ASN C 57 -16.65 -18.16 -31.45
CA ASN C 57 -16.48 -17.36 -32.67
C ASN C 57 -15.12 -16.66 -32.66
N PRO C 58 -14.29 -16.90 -33.70
CA PRO C 58 -12.94 -16.34 -33.71
C PRO C 58 -12.89 -14.81 -33.85
N LYS C 59 -13.90 -14.22 -34.46
CA LYS C 59 -13.99 -12.76 -34.60
C LYS C 59 -14.25 -12.08 -33.26
N VAL C 60 -15.01 -12.75 -32.40
CA VAL C 60 -15.27 -12.25 -31.04
C VAL C 60 -13.97 -12.27 -30.22
N LYS C 61 -13.17 -13.32 -30.40
CA LYS C 61 -11.87 -13.42 -29.75
C LYS C 61 -10.89 -12.40 -30.31
N ALA C 62 -10.87 -12.26 -31.63
CA ALA C 62 -9.96 -11.34 -32.31
C ALA C 62 -10.27 -9.88 -31.97
N HIS C 63 -11.55 -9.53 -31.96
CA HIS C 63 -12.00 -8.19 -31.56
C HIS C 63 -11.77 -7.97 -30.06
N GLY C 64 -11.85 -9.04 -29.29
CA GLY C 64 -11.60 -8.98 -27.84
C GLY C 64 -10.19 -8.53 -27.50
N LYS C 65 -9.22 -8.98 -28.30
CA LYS C 65 -7.83 -8.57 -28.11
C LYS C 65 -7.62 -7.07 -28.34
N LYS C 66 -8.44 -6.48 -29.21
CA LYS C 66 -8.38 -5.04 -29.49
C LYS C 66 -8.97 -4.23 -28.34
N VAL C 67 -10.15 -4.65 -27.87
CA VAL C 67 -10.83 -3.96 -26.76
C VAL C 67 -10.08 -4.14 -25.44
N LEU C 68 -9.41 -5.27 -25.27
CA LEU C 68 -8.56 -5.51 -24.11
C LEU C 68 -7.32 -4.63 -24.19
N GLY C 69 -6.75 -4.49 -25.38
CA GLY C 69 -5.63 -3.59 -25.64
C GLY C 69 -6.02 -2.12 -25.48
N ALA C 70 -7.29 -1.82 -25.78
CA ALA C 70 -7.82 -0.47 -25.57
C ALA C 70 -7.85 -0.11 -24.08
N PHE C 71 -8.23 -1.07 -23.25
CA PHE C 71 -8.16 -0.90 -21.80
C PHE C 71 -6.71 -0.80 -21.32
N SER C 72 -5.84 -1.62 -21.90
CA SER C 72 -4.42 -1.62 -21.55
C SER C 72 -3.77 -0.26 -21.82
N ASP C 73 -4.13 0.34 -22.96
CA ASP C 73 -3.69 1.70 -23.29
C ASP C 73 -4.32 2.74 -22.36
N GLY C 74 -5.57 2.49 -21.95
CA GLY C 74 -6.26 3.34 -20.98
C GLY C 74 -5.65 3.29 -19.59
N LEU C 75 -5.18 2.11 -19.18
CA LEU C 75 -4.51 1.95 -17.89
C LEU C 75 -3.16 2.67 -17.86
N ALA C 76 -2.49 2.72 -19.00
CA ALA C 76 -1.22 3.43 -19.11
C ALA C 76 -1.42 4.94 -19.05
N HIS C 77 -2.48 5.42 -19.71
CA HIS C 77 -2.80 6.86 -19.74
C HIS C 77 -4.08 7.14 -18.97
N ALA C 86 -9.68 8.50 -26.40
CA ALA C 86 -9.80 9.84 -26.97
C ALA C 86 -10.33 9.80 -28.41
N THR C 87 -9.67 9.00 -29.25
CA THR C 87 -10.07 8.84 -30.65
C THR C 87 -11.25 7.86 -30.79
N LEU C 88 -11.30 6.86 -29.91
CA LEU C 88 -12.39 5.88 -29.90
C LEU C 88 -13.72 6.50 -29.51
N SER C 89 -13.67 7.63 -28.81
CA SER C 89 -14.88 8.35 -28.42
C SER C 89 -15.73 8.76 -29.62
N GLU C 90 -15.07 9.32 -30.63
CA GLU C 90 -15.75 9.77 -31.85
C GLU C 90 -16.28 8.62 -32.70
N LEU C 91 -15.66 7.45 -32.59
CA LEU C 91 -16.07 6.29 -33.39
C LEU C 91 -17.39 5.69 -32.90
N HIS C 92 -17.47 5.41 -31.60
CA HIS C 92 -18.63 4.71 -31.04
C HIS C 92 -19.89 5.58 -31.02
N CYS C 93 -19.75 6.85 -30.68
CA CYS C 93 -20.89 7.76 -30.56
C CYS C 93 -21.43 8.21 -31.93
N ASP C 94 -20.53 8.65 -32.81
CA ASP C 94 -20.94 9.18 -34.12
C ASP C 94 -21.09 8.08 -35.18
N LYS C 95 -20.01 7.36 -35.46
CA LYS C 95 -19.99 6.38 -36.55
C LYS C 95 -20.90 5.17 -36.27
N LEU C 96 -20.71 4.54 -35.11
CA LEU C 96 -21.40 3.29 -34.78
C LEU C 96 -22.71 3.50 -34.01
N HIS C 97 -22.83 4.63 -33.30
CA HIS C 97 -23.98 4.93 -32.46
C HIS C 97 -24.24 3.88 -31.38
N VAL C 98 -23.30 3.80 -30.43
CA VAL C 98 -23.44 2.93 -29.27
C VAL C 98 -23.94 3.77 -28.09
N ASP C 99 -24.97 3.29 -27.42
CA ASP C 99 -25.56 3.99 -26.27
C ASP C 99 -24.54 4.06 -25.14
N PRO C 100 -24.44 5.22 -24.45
CA PRO C 100 -23.46 5.36 -23.36
C PRO C 100 -23.61 4.34 -22.22
N GLU C 101 -24.82 3.84 -22.01
CA GLU C 101 -25.06 2.81 -20.98
C GLU C 101 -24.40 1.48 -21.33
N ASN C 102 -24.26 1.19 -22.63
CA ASN C 102 -23.64 -0.05 -23.09
C ASN C 102 -22.15 -0.17 -22.74
N PHE C 103 -21.49 0.96 -22.53
CA PHE C 103 -20.09 0.96 -22.09
C PHE C 103 -19.97 0.46 -20.65
N ARG C 104 -20.96 0.79 -19.82
CA ARG C 104 -20.98 0.36 -18.43
C ARG C 104 -21.28 -1.13 -18.28
N LEU C 105 -22.08 -1.67 -19.20
CA LEU C 105 -22.42 -3.10 -19.20
C LEU C 105 -21.18 -3.94 -19.51
N LEU C 106 -20.53 -3.66 -20.63
CA LEU C 106 -19.22 -4.24 -20.92
C LEU C 106 -18.24 -3.82 -19.84
N GLY C 107 -18.49 -2.64 -19.26
CA GLY C 107 -17.77 -2.15 -18.09
C GLY C 107 -17.79 -3.11 -16.92
N ASN C 108 -18.96 -3.70 -16.67
CA ASN C 108 -19.16 -4.63 -15.57
C ASN C 108 -18.94 -6.09 -15.94
N VAL C 109 -19.14 -6.43 -17.21
CA VAL C 109 -18.91 -7.79 -17.70
C VAL C 109 -17.43 -8.14 -17.60
N LEU C 110 -16.56 -7.20 -17.98
CA LEU C 110 -15.12 -7.38 -17.88
C LEU C 110 -14.67 -7.57 -16.42
N VAL C 111 -15.26 -6.79 -15.52
CA VAL C 111 -14.98 -6.91 -14.09
C VAL C 111 -15.32 -8.31 -13.58
N CYS C 112 -16.47 -8.82 -14.01
CA CYS C 112 -16.89 -10.19 -13.68
C CYS C 112 -15.93 -11.24 -14.25
N VAL C 113 -15.46 -11.00 -15.48
CA VAL C 113 -14.53 -11.91 -16.14
C VAL C 113 -13.19 -11.97 -15.39
N LEU C 114 -12.70 -10.80 -14.95
CA LEU C 114 -11.49 -10.73 -14.14
C LEU C 114 -11.69 -11.48 -12.82
N ALA C 115 -12.84 -11.25 -12.17
CA ALA C 115 -13.20 -11.96 -10.95
C ALA C 115 -13.33 -13.46 -11.20
N HIS C 116 -13.82 -13.83 -12.38
CA HIS C 116 -14.01 -15.23 -12.75
C HIS C 116 -12.69 -15.99 -12.94
N HIS C 117 -11.72 -15.34 -13.59
CA HIS C 117 -10.42 -15.97 -13.84
C HIS C 117 -9.55 -16.04 -12.58
N PHE C 118 -9.34 -14.89 -11.94
CA PHE C 118 -8.49 -14.81 -10.75
C PHE C 118 -9.12 -15.47 -9.52
N GLY C 119 -10.43 -15.31 -9.36
CA GLY C 119 -11.16 -15.96 -8.28
C GLY C 119 -11.02 -15.25 -6.95
N LYS C 120 -10.43 -15.94 -5.98
CA LYS C 120 -10.26 -15.39 -4.63
C LYS C 120 -9.25 -14.23 -4.58
N GLU C 121 -8.33 -14.21 -5.54
CA GLU C 121 -7.31 -13.17 -5.60
C GLU C 121 -7.90 -11.80 -5.98
N PHE C 122 -9.00 -11.81 -6.74
CA PHE C 122 -9.69 -10.57 -7.11
C PHE C 122 -10.34 -9.95 -5.88
N THR C 123 -9.56 -9.13 -5.18
CA THR C 123 -9.92 -8.65 -3.85
C THR C 123 -10.96 -7.53 -3.92
N PRO C 124 -11.92 -7.49 -2.95
CA PRO C 124 -12.90 -6.39 -2.92
C PRO C 124 -12.32 -4.97 -3.05
N PRO C 125 -11.20 -4.69 -2.37
CA PRO C 125 -10.54 -3.40 -2.58
C PRO C 125 -9.98 -3.22 -4.00
N VAL C 126 -9.60 -4.33 -4.64
CA VAL C 126 -9.11 -4.30 -6.02
C VAL C 126 -10.24 -3.97 -6.99
N GLN C 127 -11.40 -4.59 -6.80
CA GLN C 127 -12.59 -4.31 -7.61
C GLN C 127 -12.92 -2.83 -7.58
N ALA C 128 -12.96 -2.26 -6.37
CA ALA C 128 -13.23 -0.83 -6.19
C ALA C 128 -12.38 0.03 -7.11
N ALA C 129 -11.11 -0.34 -7.25
CA ALA C 129 -10.20 0.36 -8.17
C ALA C 129 -10.59 0.13 -9.63
N TYR C 130 -10.92 -1.10 -9.98
CA TYR C 130 -11.34 -1.45 -11.34
C TYR C 130 -12.65 -0.80 -11.76
N GLN C 131 -13.60 -0.72 -10.83
CA GLN C 131 -14.90 -0.09 -11.09
C GLN C 131 -14.77 1.34 -11.58
N LYS C 132 -13.63 1.95 -11.30
CA LYS C 132 -13.37 3.33 -11.63
C LYS C 132 -12.58 3.44 -12.91
N VAL C 133 -11.58 2.57 -13.04
CA VAL C 133 -10.89 2.40 -14.31
C VAL C 133 -11.94 2.14 -15.39
N VAL C 134 -12.93 1.31 -15.07
CA VAL C 134 -14.07 1.05 -15.95
C VAL C 134 -14.98 2.26 -16.09
N ALA C 135 -15.33 2.89 -14.96
CA ALA C 135 -16.22 4.05 -14.96
C ALA C 135 -15.61 5.24 -15.70
N GLY C 136 -14.32 5.50 -15.48
CA GLY C 136 -13.58 6.54 -16.18
C GLY C 136 -13.44 6.26 -17.66
N VAL C 137 -13.49 4.98 -18.02
CA VAL C 137 -13.46 4.55 -19.42
C VAL C 137 -14.80 4.85 -20.08
N ALA C 138 -15.89 4.51 -19.40
CA ALA C 138 -17.22 4.81 -19.91
C ALA C 138 -17.41 6.30 -20.14
N ASN C 139 -16.87 7.11 -19.23
CA ASN C 139 -16.97 8.58 -19.32
C ASN C 139 -16.09 9.16 -20.44
N ALA C 140 -14.93 8.54 -20.67
CA ALA C 140 -14.00 8.99 -21.71
C ALA C 140 -14.62 8.88 -23.10
N LEU C 141 -15.36 7.79 -23.33
CA LEU C 141 -16.06 7.58 -24.61
C LEU C 141 -17.25 8.53 -24.76
N ALA C 142 -17.88 8.88 -23.64
CA ALA C 142 -18.99 9.83 -23.64
C ALA C 142 -18.47 11.26 -23.72
N SER D 24 -39.41 -39.92 -18.50
CA SER D 24 -39.07 -38.58 -19.05
C SER D 24 -40.17 -37.57 -18.74
N LEU D 25 -39.88 -36.65 -17.82
CA LEU D 25 -40.84 -35.62 -17.45
C LEU D 25 -41.05 -34.60 -18.56
N LYS D 26 -39.98 -34.27 -19.28
CA LYS D 26 -40.06 -33.37 -20.45
C LYS D 26 -41.04 -33.93 -21.49
N ASP D 27 -40.95 -35.23 -21.73
CA ASP D 27 -41.82 -35.91 -22.69
C ASP D 27 -43.20 -36.21 -22.09
N ALA D 28 -43.25 -36.47 -20.79
CA ALA D 28 -44.49 -36.85 -20.11
C ALA D 28 -45.50 -35.70 -20.03
N ILE D 29 -45.00 -34.47 -19.90
CA ILE D 29 -45.87 -33.28 -19.81
C ILE D 29 -46.42 -32.81 -21.17
N LYS D 30 -46.16 -33.57 -22.23
CA LYS D 30 -46.68 -33.27 -23.56
C LYS D 30 -48.17 -33.49 -23.64
N ASP D 31 -48.61 -34.57 -23.01
CA ASP D 31 -50.00 -35.01 -23.08
C ASP D 31 -50.93 -33.83 -22.80
N PRO D 32 -51.70 -33.40 -23.82
CA PRO D 32 -52.62 -32.29 -23.61
C PRO D 32 -53.72 -32.59 -22.58
N ALA D 33 -54.06 -33.86 -22.43
CA ALA D 33 -55.11 -34.29 -21.48
C ALA D 33 -54.77 -33.96 -20.03
N LEU D 34 -53.47 -33.98 -19.71
CA LEU D 34 -53.00 -33.72 -18.35
C LEU D 34 -52.85 -32.22 -18.04
N GLU D 35 -53.03 -31.38 -19.07
CA GLU D 35 -52.93 -29.93 -18.90
C GLU D 35 -54.03 -29.40 -17.97
N ASN D 36 -53.64 -28.98 -16.78
CA ASN D 36 -54.55 -28.43 -15.77
C ASN D 36 -55.71 -29.37 -15.42
N LYS D 37 -55.40 -30.66 -15.31
CA LYS D 37 -56.38 -31.67 -14.90
C LYS D 37 -56.56 -31.61 -13.38
N GLU D 38 -57.71 -32.09 -12.90
CA GLU D 38 -57.95 -32.18 -11.46
C GLU D 38 -57.10 -33.25 -10.81
N HIS D 39 -56.58 -32.93 -9.62
CA HIS D 39 -55.84 -33.90 -8.80
C HIS D 39 -55.92 -33.55 -7.31
N ASP D 40 -57.03 -32.95 -6.91
CA ASP D 40 -57.23 -32.48 -5.52
C ASP D 40 -58.34 -33.22 -4.78
N ILE D 41 -59.23 -33.87 -5.52
CA ILE D 41 -60.32 -34.63 -4.92
C ILE D 41 -59.76 -35.93 -4.33
N GLY D 42 -59.69 -35.99 -3.00
CA GLY D 42 -59.28 -37.21 -2.32
C GLY D 42 -59.01 -37.00 -0.84
N PRO D 43 -59.35 -38.00 0.00
CA PRO D 43 -58.91 -37.90 1.39
C PRO D 43 -57.38 -37.84 1.42
N ARG D 44 -56.84 -36.73 1.91
CA ARG D 44 -55.41 -36.48 1.84
C ARG D 44 -54.84 -36.01 3.18
N GLU D 45 -53.52 -36.09 3.30
CA GLU D 45 -52.81 -35.67 4.50
C GLU D 45 -51.55 -34.91 4.12
N GLN D 46 -51.23 -33.86 4.88
CA GLN D 46 -50.01 -33.08 4.68
C GLN D 46 -48.86 -33.73 5.44
N VAL D 47 -47.84 -34.18 4.70
CA VAL D 47 -46.67 -34.82 5.30
C VAL D 47 -45.39 -34.12 4.85
N ASN D 48 -44.64 -33.59 5.81
CA ASN D 48 -43.39 -32.89 5.52
C ASN D 48 -42.27 -33.88 5.17
N PHE D 49 -41.18 -33.36 4.62
CA PHE D 49 -40.02 -34.19 4.29
C PHE D 49 -38.75 -33.37 4.05
N GLN D 50 -37.62 -34.06 4.05
CA GLN D 50 -36.33 -33.47 3.73
C GLN D 50 -35.74 -34.17 2.51
N LEU D 51 -35.10 -33.40 1.64
CA LEU D 51 -34.40 -33.94 0.49
C LEU D 51 -32.89 -33.82 0.71
N LEU D 52 -32.22 -34.97 0.82
CA LEU D 52 -30.80 -35.02 1.18
C LEU D 52 -29.99 -35.76 0.14
N ASP D 53 -28.69 -35.45 0.07
CA ASP D 53 -27.76 -36.10 -0.87
C ASP D 53 -27.05 -37.30 -0.19
N LYS D 54 -26.01 -37.81 -0.85
CA LYS D 54 -25.27 -38.98 -0.33
C LYS D 54 -24.63 -38.75 1.03
N ASN D 55 -24.27 -37.51 1.34
CA ASN D 55 -23.66 -37.17 2.63
C ASN D 55 -24.65 -36.58 3.65
N ASN D 56 -25.94 -36.85 3.45
CA ASN D 56 -27.02 -36.32 4.31
C ASN D 56 -27.05 -34.78 4.42
N GLU D 57 -26.68 -34.10 3.33
CA GLU D 57 -26.72 -32.64 3.27
C GLU D 57 -27.88 -32.19 2.37
N THR D 58 -28.51 -31.07 2.72
CA THR D 58 -29.68 -30.55 1.98
C THR D 58 -29.41 -30.50 0.45
N GLN D 59 -30.01 -31.44 -0.30
CA GLN D 59 -29.90 -31.47 -1.76
C GLN D 59 -30.67 -30.28 -2.33
N TYR D 60 -29.94 -29.21 -2.62
CA TYR D 60 -30.54 -27.89 -2.82
C TYR D 60 -31.46 -27.75 -4.03
N TYR D 61 -31.04 -28.26 -5.19
CA TYR D 61 -31.84 -28.13 -6.41
C TYR D 61 -33.22 -28.76 -6.23
N HIS D 62 -33.26 -29.93 -5.61
CA HIS D 62 -34.51 -30.62 -5.33
C HIS D 62 -35.30 -29.91 -4.24
N PHE D 63 -34.59 -29.41 -3.23
CA PHE D 63 -35.22 -28.61 -2.16
C PHE D 63 -35.98 -27.41 -2.73
N PHE D 64 -35.39 -26.74 -3.72
CA PHE D 64 -36.05 -25.61 -4.37
C PHE D 64 -37.19 -26.06 -5.29
N SER D 65 -37.04 -27.23 -5.90
CA SER D 65 -37.96 -27.70 -6.94
C SER D 65 -39.20 -28.41 -6.38
N ILE D 66 -38.99 -29.35 -5.47
CA ILE D 66 -40.09 -30.16 -4.92
C ILE D 66 -40.71 -29.45 -3.72
N LYS D 67 -41.99 -29.70 -3.49
CA LYS D 67 -42.75 -28.96 -2.49
C LYS D 67 -42.79 -29.64 -1.13
N ASP D 68 -42.46 -28.87 -0.10
CA ASP D 68 -42.66 -29.28 1.28
C ASP D 68 -43.91 -28.55 1.80
N PRO D 69 -44.92 -29.29 2.29
CA PRO D 69 -45.06 -30.75 2.41
C PRO D 69 -45.73 -31.41 1.19
N ALA D 70 -45.47 -32.71 1.01
CA ALA D 70 -46.09 -33.48 -0.07
C ALA D 70 -47.47 -33.96 0.33
N ASP D 71 -48.45 -33.77 -0.54
CA ASP D 71 -49.82 -34.24 -0.29
C ASP D 71 -49.92 -35.73 -0.59
N VAL D 72 -50.11 -36.51 0.47
CA VAL D 72 -50.28 -37.95 0.34
C VAL D 72 -51.76 -38.32 0.40
N TYR D 73 -52.27 -38.92 -0.68
CA TYR D 73 -53.69 -39.27 -0.80
C TYR D 73 -53.93 -40.72 -0.37
N TYR D 74 -55.09 -40.98 0.25
CA TYR D 74 -55.44 -42.32 0.70
C TYR D 74 -56.33 -43.04 -0.30
N THR D 75 -56.08 -44.34 -0.45
CA THR D 75 -56.90 -45.22 -1.28
C THR D 75 -57.35 -46.41 -0.42
N LYS D 76 -57.85 -47.46 -1.05
CA LYS D 76 -58.26 -48.68 -0.34
C LYS D 76 -57.10 -49.65 -0.14
N LYS D 77 -56.12 -49.61 -1.04
CA LYS D 77 -54.98 -50.51 -0.98
C LYS D 77 -53.75 -49.83 -0.37
N LYS D 78 -53.16 -48.88 -1.11
CA LYS D 78 -51.94 -48.20 -0.69
C LYS D 78 -52.06 -46.70 -0.84
N ALA D 79 -51.54 -45.97 0.14
CA ALA D 79 -51.52 -44.51 0.10
C ALA D 79 -50.57 -44.03 -0.99
N GLU D 80 -51.01 -43.04 -1.76
CA GLU D 80 -50.22 -42.48 -2.85
C GLU D 80 -49.72 -41.10 -2.48
N VAL D 81 -48.41 -40.88 -2.63
CA VAL D 81 -47.80 -39.58 -2.35
C VAL D 81 -47.74 -38.76 -3.63
N GLU D 82 -48.22 -37.52 -3.57
CA GLU D 82 -48.15 -36.60 -4.71
C GLU D 82 -47.01 -35.60 -4.50
N LEU D 83 -46.18 -35.44 -5.52
CA LEU D 83 -45.05 -34.50 -5.47
C LEU D 83 -45.24 -33.38 -6.50
N ASP D 84 -45.01 -32.14 -6.05
CA ASP D 84 -45.16 -30.95 -6.89
C ASP D 84 -43.78 -30.45 -7.32
N ILE D 85 -43.37 -30.83 -8.53
CA ILE D 85 -42.05 -30.49 -9.06
C ILE D 85 -42.14 -29.32 -10.04
N ASN D 86 -41.37 -28.26 -9.79
CA ASN D 86 -41.35 -27.11 -10.70
C ASN D 86 -40.25 -27.24 -11.75
N THR D 87 -40.37 -26.46 -12.83
CA THR D 87 -39.47 -26.52 -14.00
C THR D 87 -39.50 -27.89 -14.68
N ALA D 88 -40.70 -28.43 -14.85
CA ALA D 88 -40.89 -29.74 -15.50
C ALA D 88 -40.33 -29.79 -16.92
N SER D 89 -40.23 -28.64 -17.57
CA SER D 89 -39.61 -28.53 -18.90
C SER D 89 -38.12 -28.87 -18.89
N THR D 90 -37.47 -28.73 -17.73
CA THR D 90 -36.06 -29.05 -17.58
C THR D 90 -35.83 -30.44 -16.97
N TRP D 91 -36.71 -30.85 -16.07
CA TRP D 91 -36.64 -32.18 -15.46
C TRP D 91 -36.76 -33.27 -16.51
N LYS D 92 -35.75 -34.14 -16.59
CA LYS D 92 -35.78 -35.26 -17.53
C LYS D 92 -36.13 -36.55 -16.78
N LYS D 93 -35.14 -37.20 -16.18
CA LYS D 93 -35.35 -38.47 -15.50
C LYS D 93 -35.77 -38.23 -14.06
N PHE D 94 -36.70 -39.04 -13.56
CA PHE D 94 -37.18 -38.92 -12.18
C PHE D 94 -37.74 -40.26 -11.68
N GLU D 95 -36.84 -41.16 -11.32
CA GLU D 95 -37.20 -42.49 -10.83
C GLU D 95 -37.23 -42.49 -9.30
N VAL D 96 -38.26 -43.11 -8.73
CA VAL D 96 -38.44 -43.17 -7.27
C VAL D 96 -38.49 -44.63 -6.82
N TYR D 97 -37.55 -45.01 -5.95
CA TYR D 97 -37.43 -46.40 -5.48
C TYR D 97 -37.81 -46.55 -4.01
N GLU D 98 -38.53 -47.61 -3.69
CA GLU D 98 -38.85 -47.96 -2.31
C GLU D 98 -38.11 -49.26 -1.95
N ASN D 99 -37.18 -49.17 -1.01
CA ASN D 99 -36.34 -50.31 -0.61
C ASN D 99 -35.62 -50.93 -1.82
N ASN D 100 -34.98 -50.07 -2.60
CA ASN D 100 -34.27 -50.46 -3.82
C ASN D 100 -35.17 -51.19 -4.84
N GLN D 101 -36.40 -50.72 -4.98
CA GLN D 101 -37.33 -51.26 -5.98
C GLN D 101 -38.16 -50.13 -6.60
N LYS D 102 -38.13 -50.06 -7.93
CA LYS D 102 -38.73 -48.95 -8.68
C LYS D 102 -40.26 -48.91 -8.51
N LEU D 103 -40.77 -47.81 -7.96
CA LEU D 103 -42.20 -47.60 -7.83
C LEU D 103 -42.78 -47.07 -9.14
N PRO D 104 -44.07 -47.38 -9.42
CA PRO D 104 -44.71 -46.91 -10.64
C PRO D 104 -45.09 -45.45 -10.56
N VAL D 105 -44.30 -44.58 -11.18
CA VAL D 105 -44.55 -43.14 -11.19
C VAL D 105 -45.46 -42.77 -12.37
N ARG D 106 -46.41 -41.86 -12.12
CA ARG D 106 -47.35 -41.42 -13.15
C ARG D 106 -47.71 -39.94 -12.98
N LEU D 107 -47.83 -39.24 -14.10
CA LEU D 107 -48.25 -37.83 -14.10
C LEU D 107 -49.76 -37.73 -13.98
N VAL D 108 -50.22 -36.97 -12.99
CA VAL D 108 -51.66 -36.74 -12.79
C VAL D 108 -52.11 -35.39 -13.35
N SER D 109 -51.21 -34.41 -13.34
CA SER D 109 -51.53 -33.07 -13.84
C SER D 109 -50.26 -32.28 -14.16
N TYR D 110 -50.42 -31.19 -14.91
CA TYR D 110 -49.30 -30.34 -15.32
C TYR D 110 -49.78 -28.92 -15.63
N SER D 111 -49.01 -27.94 -15.15
CA SER D 111 -49.30 -26.52 -15.39
C SER D 111 -48.49 -26.01 -16.60
N PRO D 112 -49.04 -25.05 -17.35
CA PRO D 112 -48.40 -24.61 -18.62
C PRO D 112 -47.07 -23.86 -18.48
N VAL D 113 -46.61 -23.30 -19.60
CA VAL D 113 -45.26 -22.71 -19.74
C VAL D 113 -44.77 -21.82 -18.59
N PRO D 114 -45.53 -20.77 -18.22
CA PRO D 114 -45.03 -19.85 -17.18
C PRO D 114 -44.93 -20.47 -15.78
N GLU D 115 -45.96 -21.22 -15.38
CA GLU D 115 -45.97 -21.88 -14.07
C GLU D 115 -45.05 -23.11 -14.11
N ASP D 116 -45.30 -24.00 -15.06
CA ASP D 116 -44.41 -25.14 -15.38
C ASP D 116 -44.35 -26.24 -14.31
N HIS D 117 -45.27 -26.23 -13.34
CA HIS D 117 -45.31 -27.25 -12.30
C HIS D 117 -45.88 -28.57 -12.83
N ALA D 118 -45.17 -29.66 -12.57
CA ALA D 118 -45.64 -31.01 -12.91
C ALA D 118 -46.01 -31.74 -11.62
N TYR D 119 -47.07 -32.56 -11.69
CA TYR D 119 -47.56 -33.28 -10.52
C TYR D 119 -47.54 -34.78 -10.76
N ILE D 120 -46.70 -35.49 -10.02
CA ILE D 120 -46.59 -36.95 -10.15
C ILE D 120 -47.09 -37.68 -8.91
N ARG D 121 -47.60 -38.89 -9.09
CA ARG D 121 -48.06 -39.72 -7.99
C ARG D 121 -47.43 -41.11 -8.03
N PHE D 122 -47.30 -41.73 -6.86
CA PHE D 122 -46.75 -43.08 -6.74
C PHE D 122 -47.16 -43.70 -5.39
N PRO D 123 -47.41 -45.03 -5.37
CA PRO D 123 -47.84 -45.70 -4.15
C PRO D 123 -46.69 -46.00 -3.20
N VAL D 124 -46.94 -45.86 -1.90
CA VAL D 124 -45.96 -46.22 -0.88
C VAL D 124 -46.56 -47.19 0.14
N SER D 125 -45.76 -48.18 0.54
CA SER D 125 -46.18 -49.19 1.52
C SER D 125 -46.29 -48.57 2.90
N ASP D 126 -47.12 -49.19 3.76
CA ASP D 126 -47.32 -48.69 5.12
C ASP D 126 -46.03 -48.80 5.93
N GLY D 127 -45.68 -47.72 6.62
CA GLY D 127 -44.49 -47.68 7.48
C GLY D 127 -43.24 -47.12 6.82
N THR D 128 -43.28 -46.94 5.51
CA THR D 128 -42.13 -46.40 4.77
C THR D 128 -41.95 -44.92 5.07
N GLN D 129 -40.76 -44.56 5.55
CA GLN D 129 -40.41 -43.18 5.87
C GLN D 129 -39.35 -42.59 4.93
N GLU D 130 -38.58 -43.46 4.27
CA GLU D 130 -37.50 -43.04 3.40
C GLU D 130 -37.58 -43.70 2.03
N LEU D 131 -37.24 -42.95 0.99
CA LEU D 131 -37.17 -43.48 -0.37
C LEU D 131 -36.26 -42.62 -1.24
N LYS D 132 -35.40 -43.25 -2.03
CA LYS D 132 -34.42 -42.55 -2.85
C LYS D 132 -35.03 -42.06 -4.16
N ILE D 133 -34.40 -41.04 -4.75
CA ILE D 133 -34.84 -40.47 -6.02
C ILE D 133 -33.65 -40.33 -6.97
N VAL D 134 -33.58 -41.22 -7.96
CA VAL D 134 -32.57 -41.12 -9.02
C VAL D 134 -33.15 -40.24 -10.12
N SER D 135 -32.55 -39.06 -10.33
CA SER D 135 -33.11 -38.07 -11.24
C SER D 135 -32.05 -37.36 -12.07
N SER D 136 -32.50 -36.57 -13.05
CA SER D 136 -31.61 -35.81 -13.92
C SER D 136 -32.35 -34.69 -14.64
N THR D 137 -31.64 -33.59 -14.89
CA THR D 137 -32.20 -32.42 -15.58
C THR D 137 -31.47 -32.16 -16.90
N GLN D 138 -32.17 -31.53 -17.85
CA GLN D 138 -31.58 -31.18 -19.15
C GLN D 138 -32.32 -30.01 -19.77
N ILE D 139 -31.57 -28.92 -20.03
CA ILE D 139 -32.13 -27.73 -20.68
C ILE D 139 -32.08 -27.92 -22.19
N ASP D 140 -33.25 -28.07 -22.81
CA ASP D 140 -33.37 -28.31 -24.25
C ASP D 140 -32.56 -29.56 -24.64
N ASP D 141 -31.68 -29.44 -25.64
CA ASP D 141 -30.81 -30.56 -26.04
C ASP D 141 -29.36 -30.30 -25.61
N GLY D 142 -29.20 -29.70 -24.43
CA GLY D 142 -27.88 -29.36 -23.90
C GLY D 142 -27.30 -30.46 -23.04
N GLU D 143 -26.41 -30.09 -22.13
CA GLU D 143 -25.76 -31.04 -21.24
C GLU D 143 -26.75 -31.59 -20.21
N GLU D 144 -26.59 -32.87 -19.87
CA GLU D 144 -27.46 -33.55 -18.92
C GLU D 144 -26.80 -33.63 -17.55
N THR D 145 -27.41 -32.97 -16.56
CA THR D 145 -26.90 -32.98 -15.19
C THR D 145 -27.51 -34.15 -14.42
N ASN D 146 -26.66 -35.07 -13.96
CA ASN D 146 -27.10 -36.27 -13.26
C ASN D 146 -27.09 -36.11 -11.74
N TYR D 147 -28.16 -36.57 -11.09
CA TYR D 147 -28.24 -36.61 -9.63
C TYR D 147 -28.44 -38.05 -9.19
N ASP D 148 -27.32 -38.76 -9.02
CA ASP D 148 -27.33 -40.22 -8.82
C ASP D 148 -28.07 -40.67 -7.57
N TYR D 149 -28.00 -39.88 -6.50
CA TYR D 149 -28.64 -40.23 -5.24
C TYR D 149 -29.27 -39.00 -4.58
N THR D 150 -30.57 -39.07 -4.32
CA THR D 150 -31.28 -38.05 -3.55
C THR D 150 -32.29 -38.73 -2.63
N LYS D 151 -31.98 -38.76 -1.33
CA LYS D 151 -32.82 -39.41 -0.35
C LYS D 151 -33.96 -38.49 0.08
N LEU D 152 -35.20 -38.99 -0.03
CA LEU D 152 -36.37 -38.27 0.44
C LEU D 152 -36.83 -38.88 1.77
N VAL D 153 -36.53 -38.18 2.86
CA VAL D 153 -36.90 -38.63 4.20
C VAL D 153 -38.13 -37.86 4.69
N PHE D 154 -39.23 -38.58 4.90
CA PHE D 154 -40.43 -37.99 5.47
C PHE D 154 -40.24 -37.70 6.96
N ALA D 155 -40.94 -36.69 7.47
CA ALA D 155 -40.91 -36.36 8.89
C ALA D 155 -41.69 -37.37 9.73
N LYS D 156 -42.50 -38.19 9.06
CA LYS D 156 -43.40 -39.12 9.71
C LYS D 156 -43.67 -40.29 8.75
N PRO D 157 -43.68 -41.54 9.25
CA PRO D 157 -43.94 -42.69 8.38
C PRO D 157 -45.32 -42.65 7.72
N ILE D 158 -45.36 -42.98 6.43
CA ILE D 158 -46.61 -42.95 5.66
C ILE D 158 -47.47 -44.17 5.98
N TYR D 159 -48.67 -43.92 6.49
CA TYR D 159 -49.63 -44.98 6.80
C TYR D 159 -50.97 -44.72 6.13
N ASN D 160 -51.45 -45.69 5.37
CA ASN D 160 -52.73 -45.56 4.65
C ASN D 160 -53.91 -45.65 5.61
N ASP D 161 -55.02 -45.02 5.24
CA ASP D 161 -56.26 -45.09 6.02
C ASP D 161 -57.46 -45.33 5.09
N PRO D 162 -57.92 -46.59 4.99
CA PRO D 162 -59.10 -46.91 4.18
C PRO D 162 -60.43 -46.41 4.75
N SER D 163 -60.45 -46.07 6.05
CA SER D 163 -61.67 -45.60 6.70
C SER D 163 -62.11 -44.21 6.23
N LEU D 164 -61.14 -43.39 5.82
CA LEU D 164 -61.42 -42.04 5.34
C LEU D 164 -61.61 -42.03 3.83
N VAL E 1 38.15 11.25 3.25
CA VAL E 1 39.02 12.45 3.44
C VAL E 1 38.16 13.71 3.49
N LEU E 2 38.15 14.38 4.64
CA LEU E 2 37.33 15.57 4.85
C LEU E 2 37.90 16.78 4.12
N SER E 3 37.20 17.24 3.09
CA SER E 3 37.58 18.43 2.34
C SER E 3 37.25 19.69 3.15
N PRO E 4 37.79 20.85 2.74
CA PRO E 4 37.39 22.10 3.40
C PRO E 4 35.87 22.32 3.36
N ALA E 5 35.25 21.97 2.24
CA ALA E 5 33.79 22.00 2.10
C ALA E 5 33.13 21.12 3.15
N ASP E 6 33.67 19.92 3.35
CA ASP E 6 33.14 19.00 4.36
C ASP E 6 33.29 19.57 5.76
N LYS E 7 34.49 20.02 6.09
CA LYS E 7 34.78 20.63 7.40
C LYS E 7 33.87 21.83 7.69
N THR E 8 33.66 22.67 6.68
CA THR E 8 32.81 23.84 6.81
C THR E 8 31.35 23.47 7.04
N ASN E 9 30.86 22.49 6.27
CA ASN E 9 29.48 22.02 6.42
C ASN E 9 29.21 21.45 7.81
N VAL E 10 30.20 20.75 8.37
CA VAL E 10 30.06 20.15 9.70
C VAL E 10 30.06 21.20 10.81
N LYS E 11 30.99 22.15 10.74
CA LYS E 11 31.06 23.25 11.70
C LYS E 11 29.79 24.08 11.70
N ALA E 12 29.30 24.41 10.50
CA ALA E 12 28.09 25.20 10.34
C ALA E 12 26.89 24.42 10.87
N ALA E 13 26.82 23.15 10.51
CA ALA E 13 25.70 22.29 10.90
C ALA E 13 25.66 22.11 12.41
N TRP E 14 26.76 21.61 12.98
CA TRP E 14 26.86 21.38 14.42
C TRP E 14 26.72 22.67 15.21
N GLY E 15 27.02 23.81 14.57
CA GLY E 15 26.78 25.12 15.16
C GLY E 15 25.30 25.44 15.28
N LYS E 16 24.54 25.03 14.26
CA LYS E 16 23.08 25.23 14.27
C LYS E 16 22.38 24.32 15.28
N VAL E 17 23.04 23.23 15.67
CA VAL E 17 22.58 22.44 16.81
C VAL E 17 22.83 23.26 18.08
N GLY E 18 24.07 23.65 18.29
CA GLY E 18 24.44 24.58 19.35
C GLY E 18 24.20 24.04 20.76
N ALA E 19 23.30 24.69 21.48
CA ALA E 19 23.01 24.33 22.87
C ALA E 19 22.18 23.04 23.01
N HIS E 20 21.63 22.56 21.90
CA HIS E 20 20.80 21.33 21.91
C HIS E 20 21.60 20.06 21.57
N ALA E 21 22.93 20.12 21.73
CA ALA E 21 23.78 18.96 21.41
C ALA E 21 23.49 17.78 22.33
N GLY E 22 23.33 18.05 23.63
CA GLY E 22 23.03 17.01 24.60
C GLY E 22 21.70 16.34 24.36
N GLU E 23 20.67 17.13 24.09
CA GLU E 23 19.34 16.61 23.77
C GLU E 23 19.36 15.74 22.51
N TYR E 24 20.10 16.19 21.49
CA TYR E 24 20.23 15.46 20.24
C TYR E 24 21.07 14.19 20.44
N GLY E 25 22.08 14.29 21.31
CA GLY E 25 22.92 13.14 21.67
C GLY E 25 22.13 12.09 22.45
N ALA E 26 21.30 12.56 23.38
CA ALA E 26 20.45 11.68 24.17
C ALA E 26 19.36 11.03 23.32
N GLU E 27 18.81 11.77 22.36
CA GLU E 27 17.81 11.24 21.44
C GLU E 27 18.42 10.24 20.47
N ALA E 28 19.65 10.50 20.03
CA ALA E 28 20.36 9.60 19.12
C ALA E 28 20.57 8.21 19.74
N LEU E 29 21.01 8.19 20.99
CA LEU E 29 21.19 6.94 21.72
C LEU E 29 19.88 6.20 21.89
N GLU E 30 18.84 6.91 22.34
CA GLU E 30 17.51 6.33 22.54
C GLU E 30 16.98 5.66 21.27
N ARG E 31 17.27 6.27 20.12
CA ARG E 31 16.88 5.71 18.82
C ARG E 31 17.68 4.44 18.49
N MET E 32 18.97 4.45 18.81
CA MET E 32 19.85 3.31 18.52
C MET E 32 19.43 2.05 19.29
N PHE E 33 19.10 2.20 20.56
CA PHE E 33 18.76 1.07 21.42
C PHE E 33 17.43 0.41 21.06
N LEU E 34 16.43 1.23 20.72
CA LEU E 34 15.11 0.71 20.35
C LEU E 34 15.10 0.13 18.93
N SER E 35 15.72 0.84 17.99
CA SER E 35 15.79 0.39 16.61
C SER E 35 16.75 -0.78 16.42
N PHE E 36 17.87 -0.75 17.16
CA PHE E 36 18.89 -1.80 17.09
C PHE E 36 19.20 -2.33 18.49
N PRO E 37 18.38 -3.28 18.99
CA PRO E 37 18.58 -3.87 20.31
C PRO E 37 19.96 -4.51 20.52
N THR E 38 20.61 -4.89 19.43
CA THR E 38 21.94 -5.50 19.46
C THR E 38 23.00 -4.63 20.13
N THR E 39 22.82 -3.31 20.03
CA THR E 39 23.76 -2.36 20.60
C THR E 39 23.69 -2.28 22.13
N LYS E 40 22.67 -2.90 22.74
CA LYS E 40 22.52 -2.92 24.19
C LYS E 40 23.50 -3.87 24.89
N THR E 41 24.16 -4.74 24.15
CA THR E 41 25.11 -5.71 24.72
C THR E 41 26.31 -5.03 25.38
N TYR E 42 26.71 -3.87 24.86
CA TYR E 42 27.83 -3.11 25.41
C TYR E 42 27.46 -2.33 26.68
N PHE E 43 26.16 -2.18 26.94
CA PHE E 43 25.68 -1.47 28.12
C PHE E 43 24.82 -2.38 29.01
N PRO E 44 25.43 -3.40 29.64
CA PRO E 44 24.67 -4.34 30.46
C PRO E 44 24.20 -3.73 31.78
N HIS E 45 25.03 -2.91 32.40
CA HIS E 45 24.73 -2.32 33.71
C HIS E 45 24.19 -0.88 33.60
N PHE E 46 23.52 -0.57 32.49
CA PHE E 46 22.94 0.75 32.27
C PHE E 46 21.41 0.70 32.35
N ASP E 47 20.82 1.75 32.93
CA ASP E 47 19.37 1.91 32.95
C ASP E 47 18.92 2.37 31.56
N LEU E 48 18.47 1.43 30.75
CA LEU E 48 18.08 1.72 29.36
C LEU E 48 16.56 1.72 29.16
N SER E 49 15.84 2.18 30.18
CA SER E 49 14.40 2.36 30.09
C SER E 49 14.08 3.61 29.26
N HIS E 50 12.79 3.83 28.97
CA HIS E 50 12.38 5.00 28.20
C HIS E 50 12.54 6.28 29.02
N GLY E 51 13.37 7.19 28.52
CA GLY E 51 13.62 8.46 29.21
C GLY E 51 14.46 8.29 30.45
N SER E 52 15.54 7.53 30.33
CA SER E 52 16.42 7.23 31.47
C SER E 52 17.31 8.41 31.81
N ALA E 53 17.83 8.40 33.04
CA ALA E 53 18.76 9.42 33.50
C ALA E 53 20.16 9.17 32.94
N GLN E 54 20.59 7.91 32.94
CA GLN E 54 21.92 7.53 32.45
C GLN E 54 22.04 7.69 30.94
N VAL E 55 20.99 7.30 30.20
CA VAL E 55 20.97 7.45 28.75
C VAL E 55 21.02 8.93 28.37
N LYS E 56 20.23 9.75 29.07
CA LYS E 56 20.25 11.20 28.89
C LYS E 56 21.61 11.79 29.25
N GLY E 57 22.18 11.29 30.35
CA GLY E 57 23.50 11.72 30.79
C GLY E 57 24.61 11.31 29.84
N HIS E 58 24.54 10.06 29.35
CA HIS E 58 25.54 9.53 28.43
C HIS E 58 25.46 10.21 27.07
N GLY E 59 24.26 10.63 26.67
CA GLY E 59 24.07 11.38 25.43
C GLY E 59 24.82 12.71 25.42
N LYS E 60 24.82 13.39 26.55
CA LYS E 60 25.59 14.63 26.72
C LYS E 60 27.09 14.34 26.55
N LYS E 61 27.52 13.19 27.07
CA LYS E 61 28.92 12.80 27.01
C LYS E 61 29.35 12.44 25.59
N VAL E 62 28.43 11.87 24.82
CA VAL E 62 28.67 11.58 23.40
C VAL E 62 28.64 12.87 22.58
N ALA E 63 27.75 13.79 22.95
CA ALA E 63 27.62 15.08 22.26
C ALA E 63 28.87 15.93 22.44
N ASP E 64 29.41 15.96 23.66
CA ASP E 64 30.62 16.73 23.96
C ASP E 64 31.86 16.19 23.24
N ALA E 65 31.89 14.87 23.01
CA ALA E 65 32.96 14.25 22.23
C ALA E 65 32.90 14.71 20.77
N LEU E 66 31.70 14.72 20.21
CA LEU E 66 31.48 15.21 18.85
C LEU E 66 31.76 16.71 18.74
N THR E 67 31.40 17.46 19.78
CA THR E 67 31.73 18.90 19.85
C THR E 67 33.25 19.08 19.84
N ASN E 68 33.96 18.25 20.59
CA ASN E 68 35.42 18.26 20.60
C ASN E 68 36.00 17.81 19.26
N ALA E 69 35.32 16.87 18.60
CA ALA E 69 35.73 16.40 17.28
C ALA E 69 35.57 17.50 16.22
N VAL E 70 34.43 18.19 16.25
CA VAL E 70 34.17 19.30 15.34
C VAL E 70 35.11 20.47 15.60
N ALA E 71 35.37 20.74 16.88
CA ALA E 71 36.28 21.80 17.29
C ALA E 71 37.71 21.54 16.81
N HIS E 72 38.12 20.28 16.82
CA HIS E 72 39.46 19.87 16.41
C HIS E 72 39.40 18.90 15.23
N VAL E 73 38.61 19.25 14.22
CA VAL E 73 38.42 18.40 13.03
C VAL E 73 39.70 18.24 12.20
N ASP E 74 40.60 19.21 12.27
CA ASP E 74 41.85 19.16 11.53
C ASP E 74 42.82 18.11 12.10
N ASP E 75 42.78 17.91 13.41
CA ASP E 75 43.61 16.91 14.08
C ASP E 75 42.77 16.08 15.04
N MET E 76 41.89 15.25 14.48
CA MET E 76 40.99 14.42 15.28
C MET E 76 41.67 13.31 16.09
N PRO E 77 42.51 12.48 15.44
CA PRO E 77 43.10 11.34 16.17
C PRO E 77 43.88 11.74 17.43
N ASN E 78 44.54 12.89 17.40
CA ASN E 78 45.22 13.43 18.58
C ASN E 78 44.24 13.98 19.60
N ALA E 79 43.14 14.58 19.11
CA ALA E 79 42.09 15.13 19.97
C ALA E 79 41.31 14.03 20.69
N LEU E 80 40.98 12.96 19.96
CA LEU E 80 40.26 11.82 20.51
C LEU E 80 41.21 10.65 20.83
N SER E 81 42.35 10.97 21.43
CA SER E 81 43.38 9.97 21.73
C SER E 81 42.91 9.03 22.85
N ALA E 82 42.51 9.61 23.97
CA ALA E 82 42.06 8.85 25.14
C ALA E 82 40.74 8.13 24.87
N LEU E 83 39.85 8.76 24.11
CA LEU E 83 38.54 8.19 23.80
C LEU E 83 38.64 7.03 22.81
N SER E 84 39.67 7.04 21.97
CA SER E 84 39.91 5.93 21.02
C SER E 84 40.48 4.71 21.72
N ASP E 85 41.34 4.93 22.72
CA ASP E 85 41.88 3.83 23.52
C ASP E 85 40.78 3.05 24.24
N LEU E 86 39.73 3.75 24.65
CA LEU E 86 38.61 3.13 25.35
C LEU E 86 37.81 2.21 24.42
N HIS E 87 37.34 2.76 23.30
CA HIS E 87 36.49 2.01 22.37
C HIS E 87 37.24 0.93 21.59
N ALA E 88 38.52 1.16 21.32
CA ALA E 88 39.31 0.23 20.50
C ALA E 88 40.00 -0.86 21.32
N HIS E 89 40.88 -0.45 22.22
CA HIS E 89 41.68 -1.41 23.01
C HIS E 89 40.85 -2.09 24.11
N LYS E 90 40.19 -1.29 24.94
CA LYS E 90 39.48 -1.81 26.11
C LYS E 90 38.13 -2.41 25.76
N LEU E 91 37.29 -1.65 25.07
CA LEU E 91 35.91 -2.06 24.79
C LEU E 91 35.82 -3.04 23.64
N ARG E 92 36.68 -2.84 22.64
CA ARG E 92 36.71 -3.69 21.46
C ARG E 92 35.34 -3.69 20.77
N VAL E 93 34.76 -2.51 20.63
CA VAL E 93 33.44 -2.35 20.00
C VAL E 93 33.58 -2.54 18.50
N ASP E 94 32.77 -3.45 17.94
CA ASP E 94 32.79 -3.74 16.52
C ASP E 94 32.27 -2.50 15.75
N PRO E 95 33.01 -2.07 14.71
CA PRO E 95 32.67 -0.90 13.88
C PRO E 95 31.20 -0.77 13.48
N VAL E 96 30.56 -1.90 13.19
CA VAL E 96 29.16 -1.92 12.74
C VAL E 96 28.22 -1.14 13.67
N ASN E 97 28.48 -1.19 14.97
CA ASN E 97 27.69 -0.46 15.96
C ASN E 97 27.80 1.06 15.80
N PHE E 98 28.97 1.54 15.39
CA PHE E 98 29.16 2.97 15.14
C PHE E 98 28.39 3.46 13.93
N LYS E 99 28.32 2.64 12.88
CA LYS E 99 27.54 2.97 11.68
C LYS E 99 26.06 3.08 12.01
N LEU E 100 25.58 2.23 12.92
CA LEU E 100 24.20 2.29 13.39
C LEU E 100 23.96 3.55 14.21
N LEU E 101 24.91 3.90 15.07
CA LEU E 101 24.84 5.15 15.85
C LEU E 101 24.92 6.35 14.91
N SER E 102 25.86 6.30 13.97
CA SER E 102 26.02 7.36 12.96
C SER E 102 24.71 7.62 12.22
N HIS E 103 24.00 6.53 11.87
CA HIS E 103 22.71 6.63 11.20
C HIS E 103 21.65 7.30 12.09
N CYS E 104 21.56 6.86 13.34
CA CYS E 104 20.62 7.43 14.31
C CYS E 104 20.91 8.90 14.58
N LEU E 105 22.19 9.26 14.52
CA LEU E 105 22.61 10.64 14.68
C LEU E 105 22.15 11.47 13.50
N LEU E 106 22.34 10.90 12.31
CA LEU E 106 21.94 11.56 11.08
C LEU E 106 20.42 11.74 11.00
N VAL E 107 19.68 10.77 11.53
CA VAL E 107 18.22 10.84 11.61
C VAL E 107 17.76 11.98 12.52
N THR E 108 18.43 12.13 13.67
CA THR E 108 18.10 13.17 14.63
C THR E 108 18.30 14.57 14.05
N LEU E 109 19.47 14.81 13.47
CA LEU E 109 19.78 16.10 12.85
C LEU E 109 18.83 16.43 11.70
N ALA E 110 18.46 15.42 10.93
CA ALA E 110 17.50 15.58 9.84
C ALA E 110 16.12 15.95 10.38
N ALA E 111 15.74 15.36 11.50
CA ALA E 111 14.44 15.59 12.11
C ALA E 111 14.29 17.00 12.67
N HIS E 112 15.27 17.43 13.47
CA HIS E 112 15.21 18.72 14.15
C HIS E 112 15.53 19.90 13.24
N LEU E 113 16.50 19.72 12.35
CA LEU E 113 16.96 20.79 11.46
C LEU E 113 16.66 20.46 9.99
N PRO E 114 15.42 20.71 9.54
CA PRO E 114 15.06 20.41 8.16
C PRO E 114 15.71 21.36 7.16
N ALA E 115 16.00 22.59 7.61
CA ALA E 115 16.54 23.62 6.75
C ALA E 115 18.04 23.44 6.51
N GLU E 116 18.75 23.03 7.55
CA GLU E 116 20.20 22.91 7.50
C GLU E 116 20.68 21.57 6.94
N PHE E 117 19.78 20.58 6.91
CA PHE E 117 20.12 19.23 6.49
C PHE E 117 19.95 19.05 4.98
N THR E 118 20.78 19.75 4.21
CA THR E 118 20.76 19.65 2.75
C THR E 118 21.52 18.40 2.32
N PRO E 119 21.29 17.95 1.07
CA PRO E 119 22.04 16.82 0.51
C PRO E 119 23.56 16.96 0.64
N ALA E 120 24.08 18.16 0.41
CA ALA E 120 25.51 18.43 0.55
C ALA E 120 25.97 18.26 2.00
N VAL E 121 25.23 18.86 2.92
CA VAL E 121 25.53 18.75 4.35
C VAL E 121 25.38 17.31 4.84
N HIS E 122 24.32 16.64 4.38
CA HIS E 122 24.07 15.24 4.69
C HIS E 122 25.28 14.38 4.32
N ALA E 123 25.84 14.63 3.14
CA ALA E 123 27.04 13.92 2.68
C ALA E 123 28.23 14.19 3.57
N SER E 124 28.44 15.46 3.94
CA SER E 124 29.56 15.86 4.78
C SER E 124 29.46 15.30 6.20
N LEU E 125 28.26 15.30 6.76
CA LEU E 125 28.02 14.79 8.11
C LEU E 125 28.23 13.28 8.20
N ASP E 126 27.81 12.55 7.17
CA ASP E 126 28.03 11.10 7.10
C ASP E 126 29.52 10.81 6.99
N LYS E 127 30.21 11.62 6.19
CA LYS E 127 31.65 11.46 5.96
C LYS E 127 32.46 11.84 7.20
N PHE E 128 31.95 12.79 7.98
CA PHE E 128 32.59 13.22 9.23
C PHE E 128 32.42 12.17 10.32
N LEU E 129 31.19 11.68 10.48
CA LEU E 129 30.89 10.67 11.49
C LEU E 129 31.58 9.33 11.19
N ALA E 130 31.78 9.03 9.91
CA ALA E 130 32.53 7.85 9.48
C ALA E 130 33.99 7.94 9.92
N SER E 131 34.57 9.15 9.85
CA SER E 131 35.94 9.38 10.30
C SER E 131 36.05 9.28 11.82
N VAL E 132 35.07 9.85 12.52
CA VAL E 132 35.01 9.74 13.99
C VAL E 132 34.89 8.28 14.42
N SER E 133 34.15 7.49 13.64
CA SER E 133 34.04 6.05 13.89
C SER E 133 35.35 5.34 13.59
N THR E 134 36.03 5.76 12.52
CA THR E 134 37.32 5.20 12.14
C THR E 134 38.40 5.50 13.18
N VAL E 135 38.33 6.68 13.79
CA VAL E 135 39.30 7.07 14.82
C VAL E 135 39.09 6.27 16.11
N LEU E 136 37.85 6.18 16.55
CA LEU E 136 37.53 5.51 17.82
C LEU E 136 37.72 3.99 17.78
N THR E 137 37.38 3.38 16.64
CA THR E 137 37.48 1.93 16.50
C THR E 137 38.91 1.42 16.30
N SER E 138 39.78 2.27 15.76
CA SER E 138 41.15 1.87 15.42
C SER E 138 42.08 1.91 16.65
N LYS E 139 43.01 0.96 16.68
CA LYS E 139 43.98 0.85 17.77
C LYS E 139 45.28 1.57 17.41
N TYR E 140 45.77 2.40 18.32
CA TYR E 140 47.04 3.11 18.15
C TYR E 140 48.06 2.63 19.17
N ALA F 21 43.14 39.68 3.08
CA ALA F 21 43.05 39.57 4.56
C ALA F 21 41.66 39.97 5.05
N ASP F 22 41.26 41.19 4.73
CA ASP F 22 39.94 41.71 5.14
C ASP F 22 38.83 41.36 4.13
N GLU F 23 39.14 41.48 2.84
CA GLU F 23 38.16 41.28 1.78
C GLU F 23 37.93 39.80 1.49
N SER F 24 39.01 39.04 1.38
CA SER F 24 38.93 37.60 1.12
C SER F 24 40.13 36.84 1.66
N LEU F 25 39.89 35.96 2.63
CA LEU F 25 40.90 35.00 3.11
C LEU F 25 41.15 33.93 2.06
N LYS F 26 40.12 33.58 1.28
CA LYS F 26 40.27 32.64 0.16
C LYS F 26 41.33 33.13 -0.82
N ASP F 27 41.29 34.43 -1.11
CA ASP F 27 42.24 35.05 -2.04
C ASP F 27 43.53 35.50 -1.34
N ALA F 28 43.45 35.79 -0.04
CA ALA F 28 44.62 36.21 0.73
C ALA F 28 45.65 35.08 0.88
N ILE F 29 45.16 33.85 1.06
CA ILE F 29 46.04 32.69 1.21
C ILE F 29 46.59 32.14 -0.11
N LYS F 30 46.30 32.82 -1.21
CA LYS F 30 46.84 32.45 -2.53
C LYS F 30 48.35 32.71 -2.61
N ASP F 31 48.81 33.73 -1.88
CA ASP F 31 50.23 34.10 -1.84
C ASP F 31 51.09 32.93 -1.34
N PRO F 32 51.91 32.34 -2.21
CA PRO F 32 52.72 31.19 -1.82
C PRO F 32 53.95 31.53 -0.99
N ALA F 33 54.31 32.82 -0.95
CA ALA F 33 55.40 33.29 -0.10
C ALA F 33 55.04 33.23 1.38
N LEU F 34 53.75 33.28 1.68
CA LEU F 34 53.25 33.25 3.06
C LEU F 34 53.08 31.82 3.61
N GLU F 35 53.08 30.81 2.74
CA GLU F 35 52.79 29.44 3.17
C GLU F 35 53.91 28.90 4.06
N ASN F 36 53.53 28.43 5.26
CA ASN F 36 54.46 27.91 6.25
C ASN F 36 55.57 28.89 6.64
N LYS F 37 55.24 30.18 6.64
CA LYS F 37 56.18 31.23 7.05
C LYS F 37 56.21 31.31 8.57
N GLU F 38 57.31 31.80 9.14
CA GLU F 38 57.44 31.96 10.58
C GLU F 38 56.56 33.09 11.11
N HIS F 39 55.96 32.87 12.28
CA HIS F 39 55.18 33.91 12.96
C HIS F 39 55.16 33.66 14.48
N ASP F 40 56.26 33.12 15.01
CA ASP F 40 56.35 32.77 16.43
C ASP F 40 57.48 33.50 17.18
N ILE F 41 58.30 34.26 16.46
CA ILE F 41 59.41 34.99 17.08
C ILE F 41 58.91 36.31 17.68
N GLY F 42 59.50 36.70 18.81
CA GLY F 42 59.15 37.94 19.51
C GLY F 42 58.44 37.67 20.82
N PRO F 43 58.27 38.70 21.65
CA PRO F 43 57.56 38.54 22.92
C PRO F 43 56.06 38.39 22.70
N ARG F 44 55.41 37.55 23.49
CA ARG F 44 53.99 37.27 23.31
C ARG F 44 53.30 36.85 24.61
N GLU F 45 51.99 37.08 24.67
CA GLU F 45 51.17 36.72 25.82
C GLU F 45 49.95 35.92 25.36
N GLN F 46 49.53 34.96 26.18
CA GLN F 46 48.32 34.18 25.93
C GLN F 46 47.12 34.93 26.51
N VAL F 47 46.10 35.15 25.71
CA VAL F 47 44.89 35.84 26.16
C VAL F 47 43.63 35.09 25.73
N ASN F 48 42.91 34.53 26.71
CA ASN F 48 41.65 33.83 26.45
C ASN F 48 40.56 34.79 25.98
N PHE F 49 39.56 34.24 25.29
CA PHE F 49 38.45 35.05 24.79
C PHE F 49 37.21 34.23 24.49
N GLN F 50 36.08 34.93 24.34
CA GLN F 50 34.81 34.32 23.96
C GLN F 50 34.32 34.95 22.66
N LEU F 51 33.71 34.12 21.80
CA LEU F 51 33.13 34.58 20.54
C LEU F 51 31.60 34.50 20.64
N LEU F 52 30.97 35.65 20.85
CA LEU F 52 29.52 35.71 21.05
C LEU F 52 28.81 36.32 19.84
N ASP F 53 27.48 36.23 19.84
CA ASP F 53 26.64 36.78 18.77
C ASP F 53 25.86 38.00 19.25
N LYS F 54 24.83 38.40 18.50
CA LYS F 54 24.01 39.57 18.85
C LYS F 54 23.39 39.48 20.25
N ASN F 55 22.87 38.31 20.59
CA ASN F 55 22.21 38.08 21.89
C ASN F 55 23.15 37.55 22.97
N ASN F 56 24.46 37.75 22.78
CA ASN F 56 25.49 37.30 23.71
C ASN F 56 25.51 35.79 23.96
N GLU F 57 25.09 35.01 22.96
CA GLU F 57 25.22 33.56 22.98
C GLU F 57 26.43 33.16 22.15
N THR F 58 26.91 31.93 22.34
CA THR F 58 28.11 31.46 21.66
C THR F 58 27.90 31.40 20.15
N GLN F 59 28.71 32.16 19.41
CA GLN F 59 28.75 32.08 17.95
C GLN F 59 29.55 30.84 17.58
N TYR F 60 28.84 29.73 17.37
CA TYR F 60 29.46 28.41 17.31
C TYR F 60 30.46 28.21 16.16
N TYR F 61 30.11 28.69 14.96
CA TYR F 61 31.01 28.50 13.82
C TYR F 61 32.38 29.13 14.07
N HIS F 62 32.38 30.32 14.67
CA HIS F 62 33.61 31.03 15.01
C HIS F 62 34.32 30.35 16.18
N PHE F 63 33.54 29.88 17.15
CA PHE F 63 34.09 29.15 18.29
C PHE F 63 34.88 27.92 17.85
N PHE F 64 34.37 27.20 16.84
CA PHE F 64 35.07 26.04 16.30
C PHE F 64 36.27 26.42 15.45
N SER F 65 36.18 27.57 14.78
CA SER F 65 37.19 27.97 13.79
C SER F 65 38.41 28.68 14.39
N ILE F 66 38.16 29.62 15.31
CA ILE F 66 39.22 30.45 15.87
C ILE F 66 39.77 29.84 17.16
N LYS F 67 41.09 29.78 17.28
CA LYS F 67 41.75 29.12 18.42
C LYS F 67 41.72 29.97 19.69
N ASP F 68 41.32 29.34 20.79
CA ASP F 68 41.28 29.97 22.11
C ASP F 68 42.33 29.27 22.99
N PRO F 69 43.28 30.03 23.57
CA PRO F 69 43.48 31.49 23.53
C PRO F 69 44.27 31.96 22.30
N ALA F 70 44.24 33.27 22.08
CA ALA F 70 44.97 33.89 20.98
C ALA F 70 46.31 34.42 21.48
N ASP F 71 47.31 34.42 20.59
CA ASP F 71 48.64 34.93 20.91
C ASP F 71 48.68 36.44 20.66
N VAL F 72 49.02 37.20 21.69
CA VAL F 72 49.17 38.66 21.58
C VAL F 72 50.65 39.02 21.57
N TYR F 73 51.13 39.56 20.46
CA TYR F 73 52.54 39.92 20.30
C TYR F 73 52.77 41.40 20.61
N TYR F 74 53.87 41.70 21.30
CA TYR F 74 54.17 43.08 21.71
C TYR F 74 55.14 43.77 20.74
N THR F 75 54.86 45.03 20.47
CA THR F 75 55.74 45.89 19.68
C THR F 75 56.07 47.14 20.49
N LYS F 76 56.74 48.11 19.87
CA LYS F 76 57.09 49.36 20.55
C LYS F 76 55.94 50.38 20.57
N LYS F 77 54.92 50.16 19.74
CA LYS F 77 53.77 51.08 19.65
C LYS F 77 52.49 50.42 20.17
N LYS F 78 51.95 49.48 19.41
CA LYS F 78 50.68 48.82 19.76
C LYS F 78 50.84 47.31 19.74
N ALA F 79 50.19 46.64 20.70
CA ALA F 79 50.18 45.18 20.75
C ALA F 79 49.34 44.65 19.61
N GLU F 80 49.82 43.56 18.99
CA GLU F 80 49.11 42.93 17.88
C GLU F 80 48.59 41.56 18.29
N VAL F 81 47.32 41.30 18.00
CA VAL F 81 46.69 40.01 18.31
C VAL F 81 46.71 39.12 17.07
N GLU F 82 47.19 37.89 17.24
CA GLU F 82 47.21 36.90 16.17
C GLU F 82 46.04 35.93 16.36
N LEU F 83 45.33 35.64 15.27
CA LEU F 83 44.18 34.72 15.28
C LEU F 83 44.44 33.53 14.37
N ASP F 84 44.19 32.32 14.90
CA ASP F 84 44.42 31.07 14.18
C ASP F 84 43.09 30.53 13.64
N ILE F 85 42.80 30.83 12.38
CA ILE F 85 41.51 30.52 11.77
C ILE F 85 41.65 29.35 10.80
N ASN F 86 40.83 28.31 10.98
CA ASN F 86 40.90 27.13 10.12
C ASN F 86 39.84 27.12 9.02
N THR F 87 40.04 26.26 8.03
CA THR F 87 39.22 26.26 6.82
C THR F 87 39.26 27.63 6.13
N ALA F 88 40.47 28.16 5.96
CA ALA F 88 40.68 29.42 5.27
C ALA F 88 40.13 29.37 3.85
N SER F 89 40.18 28.18 3.24
CA SER F 89 39.65 27.95 1.89
C SER F 89 38.17 28.33 1.74
N THR F 90 37.41 28.22 2.82
CA THR F 90 35.99 28.58 2.81
C THR F 90 35.73 29.94 3.47
N TRP F 91 36.58 30.35 4.40
CA TRP F 91 36.50 31.71 4.96
C TRP F 91 36.71 32.74 3.85
N LYS F 92 35.71 33.59 3.65
CA LYS F 92 35.81 34.65 2.66
C LYS F 92 36.17 35.95 3.37
N LYS F 93 35.16 36.68 3.84
CA LYS F 93 35.33 38.02 4.41
C LYS F 93 35.63 37.90 5.90
N PHE F 94 36.59 38.70 6.39
CA PHE F 94 36.94 38.72 7.81
C PHE F 94 37.48 40.08 8.21
N GLU F 95 36.58 40.98 8.60
CA GLU F 95 36.91 42.35 8.99
C GLU F 95 36.84 42.49 10.50
N VAL F 96 37.88 43.10 11.10
CA VAL F 96 37.92 43.34 12.53
C VAL F 96 37.76 44.84 12.81
N TYR F 97 36.90 45.17 13.78
CA TYR F 97 36.60 46.57 14.11
C TYR F 97 36.84 46.86 15.59
N GLU F 98 37.53 47.97 15.87
CA GLU F 98 37.78 48.44 17.22
C GLU F 98 37.04 49.77 17.42
N ASN F 99 36.05 49.78 18.31
CA ASN F 99 35.17 50.94 18.51
C ASN F 99 34.55 51.40 17.18
N ASN F 100 34.04 50.43 16.42
CA ASN F 100 33.41 50.68 15.12
C ASN F 100 34.37 51.30 14.09
N GLN F 101 35.64 50.92 14.15
CA GLN F 101 36.64 51.38 13.17
C GLN F 101 37.47 50.22 12.65
N LYS F 102 37.58 50.13 11.32
CA LYS F 102 38.24 49.00 10.65
C LYS F 102 39.74 48.96 10.92
N LEU F 103 40.18 47.95 11.68
CA LEU F 103 41.60 47.74 11.94
C LEU F 103 42.28 47.12 10.72
N PRO F 104 43.55 47.48 10.47
CA PRO F 104 44.29 46.93 9.32
C PRO F 104 44.69 45.47 9.54
N VAL F 105 43.87 44.55 9.03
CA VAL F 105 44.13 43.12 9.16
C VAL F 105 45.07 42.65 8.05
N ARG F 106 46.02 41.79 8.41
CA ARG F 106 47.01 41.27 7.45
C ARG F 106 47.32 39.80 7.71
N LEU F 107 47.58 39.05 6.64
CA LEU F 107 47.87 37.63 6.72
C LEU F 107 49.37 37.39 6.89
N VAL F 108 49.76 36.82 8.03
CA VAL F 108 51.17 36.58 8.34
C VAL F 108 51.66 35.19 7.89
N SER F 109 50.78 34.20 7.97
CA SER F 109 51.13 32.83 7.59
C SER F 109 49.90 32.01 7.20
N TYR F 110 50.14 30.86 6.58
CA TYR F 110 49.08 29.96 6.13
C TYR F 110 49.58 28.53 6.00
N SER F 111 48.78 27.57 6.44
CA SER F 111 49.10 26.15 6.33
C SER F 111 48.36 25.55 5.13
N PRO F 112 49.01 24.62 4.40
CA PRO F 112 48.45 24.02 3.18
C PRO F 112 47.08 23.34 3.33
N VAL F 113 46.56 22.86 2.20
CA VAL F 113 45.17 22.37 2.07
C VAL F 113 44.67 21.40 3.14
N PRO F 114 45.45 20.36 3.50
CA PRO F 114 44.98 19.43 4.53
C PRO F 114 44.77 20.07 5.90
N GLU F 115 45.70 20.93 6.31
CA GLU F 115 45.60 21.65 7.59
C GLU F 115 44.67 22.87 7.42
N ASP F 116 45.00 23.71 6.44
CA ASP F 116 44.14 24.81 5.99
C ASP F 116 43.99 25.98 6.99
N HIS F 117 44.88 26.05 7.99
CA HIS F 117 44.83 27.14 8.96
C HIS F 117 45.44 28.42 8.38
N ALA F 118 44.81 29.56 8.67
CA ALA F 118 45.28 30.87 8.21
C ALA F 118 45.46 31.82 9.40
N TYR F 119 46.67 32.33 9.55
CA TYR F 119 47.03 33.16 10.71
C TYR F 119 47.04 34.64 10.35
N ILE F 120 46.18 35.42 11.00
CA ILE F 120 46.04 36.85 10.70
C ILE F 120 46.28 37.71 11.94
N ARG F 121 47.01 38.82 11.75
CA ARG F 121 47.34 39.74 12.84
C ARG F 121 46.69 41.10 12.63
N PHE F 122 46.50 41.83 13.72
CA PHE F 122 45.95 43.19 13.69
C PHE F 122 46.23 43.92 15.00
N PRO F 123 46.51 45.24 14.93
CA PRO F 123 46.85 46.01 16.12
C PRO F 123 45.65 46.36 16.99
N VAL F 124 45.83 46.26 18.31
CA VAL F 124 44.79 46.62 19.27
C VAL F 124 45.32 47.68 20.24
N SER F 125 44.48 48.67 20.54
CA SER F 125 44.85 49.76 21.44
C SER F 125 44.84 49.29 22.88
N ASP F 126 45.54 50.04 23.74
CA ASP F 126 45.61 49.70 25.16
C ASP F 126 44.25 49.87 25.84
N GLY F 127 43.89 48.90 26.68
CA GLY F 127 42.63 48.94 27.41
C GLY F 127 41.44 48.31 26.70
N THR F 128 41.61 47.98 25.42
CA THR F 128 40.55 47.39 24.62
C THR F 128 40.34 45.94 25.00
N GLN F 129 39.12 45.61 25.45
CA GLN F 129 38.78 44.25 25.89
C GLN F 129 37.80 43.54 24.96
N GLU F 130 37.11 44.29 24.10
CA GLU F 130 36.11 43.71 23.20
C GLU F 130 36.18 44.37 21.82
N LEU F 131 36.28 43.54 20.77
CA LEU F 131 36.28 44.04 19.39
C LEU F 131 35.30 43.25 18.52
N LYS F 132 34.85 43.91 17.44
CA LYS F 132 33.78 43.41 16.58
C LYS F 132 34.35 42.69 15.35
N ILE F 133 33.65 41.66 14.89
CA ILE F 133 34.08 40.88 13.72
C ILE F 133 32.93 40.68 12.73
N VAL F 134 32.99 41.40 11.61
CA VAL F 134 32.06 41.21 10.49
C VAL F 134 32.70 40.25 9.51
N SER F 135 32.06 39.11 9.26
CA SER F 135 32.69 38.03 8.49
C SER F 135 31.71 37.23 7.63
N SER F 136 32.26 36.39 6.76
CA SER F 136 31.47 35.59 5.85
C SER F 136 32.24 34.36 5.36
N THR F 137 31.52 33.27 5.07
CA THR F 137 32.11 32.05 4.54
C THR F 137 31.40 31.63 3.26
N GLN F 138 32.16 31.03 2.34
CA GLN F 138 31.63 30.59 1.06
C GLN F 138 32.41 29.40 0.52
N ILE F 139 31.71 28.29 0.25
CA ILE F 139 32.33 27.08 -0.28
C ILE F 139 32.42 27.17 -1.81
N ASP F 140 33.63 27.37 -2.32
CA ASP F 140 33.88 27.53 -3.76
C ASP F 140 33.05 28.69 -4.32
N ASP F 141 32.27 28.44 -5.38
CA ASP F 141 31.40 29.47 -5.97
C ASP F 141 29.95 29.30 -5.53
N GLY F 142 29.74 28.69 -4.36
CA GLY F 142 28.40 28.46 -3.84
C GLY F 142 27.81 29.67 -3.15
N GLU F 143 26.75 29.45 -2.37
CA GLU F 143 26.06 30.54 -1.66
C GLU F 143 26.93 31.11 -0.55
N GLU F 144 26.85 32.43 -0.37
CA GLU F 144 27.65 33.14 0.63
C GLU F 144 26.86 33.29 1.93
N THR F 145 27.34 32.64 2.99
CA THR F 145 26.73 32.76 4.32
C THR F 145 27.33 33.95 5.05
N ASN F 146 26.49 34.93 5.39
CA ASN F 146 26.94 36.15 6.07
C ASN F 146 26.84 36.03 7.60
N TYR F 147 27.85 36.56 8.28
CA TYR F 147 27.84 36.68 9.75
C TYR F 147 28.05 38.14 10.12
N ASP F 148 26.94 38.88 10.19
CA ASP F 148 26.97 40.35 10.31
C ASP F 148 27.58 40.87 11.61
N TYR F 149 27.42 40.12 12.71
CA TYR F 149 27.95 40.55 14.01
C TYR F 149 28.46 39.36 14.83
N THR F 150 29.74 39.42 15.18
CA THR F 150 30.36 38.44 16.07
C THR F 150 31.31 39.17 17.02
N LYS F 151 30.89 39.33 18.27
CA LYS F 151 31.67 40.06 19.27
C LYS F 151 32.74 39.15 19.87
N LEU F 152 34.00 39.54 19.71
CA LEU F 152 35.12 38.84 20.33
C LEU F 152 35.47 39.55 21.64
N VAL F 153 35.14 38.92 22.76
CA VAL F 153 35.40 39.48 24.09
C VAL F 153 36.58 38.79 24.74
N PHE F 154 37.66 39.54 24.99
CA PHE F 154 38.82 39.00 25.69
C PHE F 154 38.52 38.83 27.18
N ALA F 155 39.23 37.90 27.80
CA ALA F 155 39.09 37.63 29.24
C ALA F 155 39.56 38.84 30.05
N LYS F 156 40.69 39.41 29.65
CA LYS F 156 41.22 40.64 30.26
C LYS F 156 41.55 41.65 29.16
N PRO F 157 41.64 42.95 29.52
CA PRO F 157 42.02 43.97 28.55
C PRO F 157 43.43 43.75 27.98
N ILE F 158 43.61 44.09 26.70
CA ILE F 158 44.91 43.92 26.04
C ILE F 158 45.77 45.15 26.29
N TYR F 159 46.94 44.93 26.90
CA TYR F 159 47.89 46.00 27.20
C TYR F 159 49.27 45.69 26.63
N ASN F 160 49.81 46.61 25.85
CA ASN F 160 51.14 46.47 25.25
C ASN F 160 52.24 46.67 26.30
N ASP F 161 53.36 45.97 26.12
CA ASP F 161 54.51 46.10 27.01
C ASP F 161 55.80 46.25 26.19
N PRO F 162 56.27 47.51 26.01
CA PRO F 162 57.50 47.76 25.24
C PRO F 162 58.78 47.23 25.91
N SER F 163 58.73 47.01 27.22
CA SER F 163 59.90 46.54 27.96
C SER F 163 60.29 45.09 27.63
N LEU F 164 59.33 44.31 27.13
CA LEU F 164 59.57 42.93 26.73
C LEU F 164 59.67 42.83 25.21
CHA HEM G . -33.26 -4.59 4.97
CHB HEM G . -33.17 -7.91 1.42
CHC HEM G . -31.28 -4.65 -1.64
CHD HEM G . -31.35 -1.28 1.88
C1A HEM G . -33.40 -5.77 4.28
C2A HEM G . -33.93 -7.01 4.82
C3A HEM G . -33.89 -7.93 3.83
C4A HEM G . -33.35 -7.30 2.65
CMA HEM G . -34.36 -9.39 3.95
CAA HEM G . -34.42 -7.24 6.26
CBA HEM G . -35.82 -6.67 6.44
CGA HEM G . -36.24 -6.82 7.88
O1A HEM G . -36.40 -5.79 8.57
O2A HEM G . -36.40 -7.99 8.34
C1B HEM G . -32.65 -7.32 0.29
C2B HEM G . -32.46 -7.97 -1.01
C3B HEM G . -31.94 -7.07 -1.84
C4B HEM G . -31.78 -5.82 -1.12
CMB HEM G . -32.79 -9.44 -1.35
CAB HEM G . -31.56 -7.32 -3.32
CBB HEM G . -30.62 -8.21 -3.64
C1C HEM G . -31.13 -3.46 -0.96
C2C HEM G . -30.59 -2.23 -1.49
C3C HEM G . -30.61 -1.30 -0.53
C4C HEM G . -31.16 -1.91 0.66
CMC HEM G . -30.09 -2.03 -2.95
CAC HEM G . -30.13 0.15 -0.69
CBC HEM G . -28.85 0.41 -1.00
C1D HEM G . -31.87 -1.84 3.03
C2D HEM G . -32.04 -1.14 4.28
C3D HEM G . -32.64 -2.17 5.25
C4D HEM G . -32.77 -3.39 4.48
CMD HEM G . -31.70 0.33 4.58
CAD HEM G . -33.04 -1.93 6.73
CBD HEM G . -31.80 -1.59 7.56
CGD HEM G . -32.25 -1.25 8.97
O1D HEM G . -32.53 -2.20 9.75
O2D HEM G . -32.33 -0.04 9.30
NA HEM G . -33.06 -5.98 2.95
NB HEM G . -32.23 -6.02 0.17
NC HEM G . -31.46 -3.22 0.37
ND HEM G . -32.30 -3.16 3.19
FE HEM G . -32.26 -4.59 1.67
CHA HEM H . 15.69 -0.23 -11.26
CHB HEM H . 13.65 -0.92 -6.90
CHC HEM H . 17.97 -0.32 -4.76
CHD HEM H . 20.05 0.39 -9.09
C1A HEM H . 14.76 -0.47 -10.28
C2A HEM H . 13.34 -0.71 -10.47
C3A HEM H . 12.79 -0.89 -9.28
C4A HEM H . 13.82 -0.79 -8.27
CMA HEM H . 11.28 -1.18 -9.01
CAA HEM H . 12.59 -0.73 -11.83
CBA HEM H . 12.16 -2.16 -12.15
CGA HEM H . 11.94 -2.32 -13.64
O1A HEM H . 12.34 -3.37 -14.20
O2A HEM H . 11.36 -1.38 -14.27
C1B HEM H . 14.64 -0.82 -5.94
C2B HEM H . 14.46 -0.97 -4.51
C3B HEM H . 15.64 -0.80 -3.92
C4B HEM H . 16.62 -0.54 -4.95
CMB HEM H . 13.13 -1.26 -3.79
CAB HEM H . 15.92 -0.87 -2.41
CBB HEM H . 15.32 -0.02 -1.58
C1C HEM H . 18.91 -0.07 -5.74
C2C HEM H . 20.31 0.17 -5.52
C3C HEM H . 20.89 0.36 -6.72
C4C HEM H . 19.87 0.25 -7.73
CMC HEM H . 21.04 0.20 -4.16
CAC HEM H . 22.39 0.64 -6.96
CBC HEM H . 22.91 1.79 -6.52
C1D HEM H . 19.10 0.28 -10.07
C2D HEM H . 19.35 0.44 -11.49
C3D HEM H . 17.98 0.25 -12.17
C4D HEM H . 17.05 0.00 -11.10
CMD HEM H . 20.70 0.73 -12.18
CAD HEM H . 17.69 0.31 -13.68
CBD HEM H . 17.18 1.71 -14.04
CGD HEM H . 17.55 2.06 -15.47
O1D HEM H . 16.73 1.80 -16.38
O2D HEM H . 18.67 2.60 -15.67
NA HEM H . 15.02 -0.53 -8.91
NB HEM H . 15.98 -0.57 -6.18
NC HEM H . 18.66 -0.02 -7.10
ND HEM H . 17.74 0.03 -9.89
FE HEM H . 16.85 -0.27 -8.02
CHA HEM I . -14.93 -1.49 -32.58
CHB HEM I . -13.07 -0.51 -28.19
CHC HEM I . -17.50 -0.87 -26.21
CHD HEM I . -19.40 -1.86 -30.58
C1A HEM I . -14.04 -1.19 -31.58
C2A HEM I . -12.60 -1.00 -31.72
C3A HEM I . -12.10 -0.74 -30.51
C4A HEM I . -13.19 -0.75 -29.55
CMA HEM I . -10.61 -0.46 -30.20
CAA HEM I . -11.79 -1.09 -33.03
CBA HEM I . -11.35 0.29 -33.48
CGA HEM I . -10.61 0.17 -34.78
O1A HEM I . -11.07 0.76 -35.79
O2A HEM I . -9.55 -0.51 -34.82
C1B HEM I . -14.10 -0.52 -27.27
C2B HEM I . -13.98 -0.28 -25.85
C3B HEM I . -15.20 -0.38 -25.31
C4B HEM I . -16.14 -0.69 -26.36
CMB HEM I . -12.68 0.04 -25.08
CAB HEM I . -15.54 -0.19 -23.81
CBB HEM I . -15.18 -1.12 -22.93
C1C HEM I . -18.39 -1.17 -27.22
C2C HEM I . -19.82 -1.37 -27.05
C3C HEM I . -20.34 -1.64 -28.25
C4C HEM I . -19.27 -1.63 -29.22
CMC HEM I . -20.60 -1.28 -25.72
CAC HEM I . -21.83 -1.92 -28.53
CBC HEM I . -22.43 -2.97 -27.99
C1D HEM I . -18.39 -1.84 -31.52
C2D HEM I . -18.58 -2.10 -32.93
C3D HEM I . -17.18 -1.99 -33.56
C4D HEM I . -16.29 -1.68 -32.47
CMD HEM I . -19.90 -2.42 -33.66
CAD HEM I . -16.83 -2.16 -35.05
CBD HEM I . -16.26 -3.56 -35.28
CGD HEM I . -16.30 -3.89 -36.75
O1D HEM I . -15.55 -3.25 -37.54
O2D HEM I . -17.09 -4.80 -37.13
NA HEM I . -14.36 -1.04 -30.24
NB HEM I . -15.43 -0.77 -27.55
NC HEM I . -18.09 -1.34 -28.56
ND HEM I . -17.03 -1.61 -31.29
FE HEM I . -16.23 -1.19 -29.41
CHA HEM J . 31.74 5.78 26.78
CHB HEM J . 31.75 8.84 23.01
CHC HEM J . 30.00 5.36 20.11
CHD HEM J . 29.99 2.25 23.86
C1A HEM J . 31.89 6.92 26.00
C2A HEM J . 32.39 8.20 26.47
C3A HEM J . 32.38 9.05 25.44
C4A HEM J . 31.90 8.33 24.27
CMA HEM J . 32.83 10.52 25.46
CAA HEM J . 32.82 8.53 27.92
CBA HEM J . 34.20 7.96 28.21
CGA HEM J . 34.67 8.42 29.58
O1A HEM J . 34.54 7.63 30.55
O2A HEM J . 35.16 9.57 29.69
C1B HEM J . 31.29 8.17 21.90
C2B HEM J . 31.13 8.72 20.56
C3B HEM J . 30.65 7.77 19.77
C4B HEM J . 30.47 6.57 20.56
CMB HEM J . 31.47 10.17 20.13
CAB HEM J . 30.34 7.91 18.26
CBB HEM J . 29.46 8.83 17.85
C1C HEM J . 29.84 4.21 20.87
C2C HEM J . 29.34 2.94 20.40
C3C HEM J . 29.33 2.10 21.42
C4C HEM J . 29.83 2.78 22.60
CMC HEM J . 28.89 2.63 18.95
CAC HEM J . 28.87 0.62 21.36
CBC HEM J . 27.58 0.34 21.10
C1D HEM J . 30.45 2.89 24.98
C2D HEM J . 30.59 2.29 26.29
C3D HEM J . 31.13 3.38 27.20
C4D HEM J . 31.27 4.55 26.35
CMD HEM J . 30.26 0.84 26.70
CAD HEM J . 31.47 3.26 28.71
CBD HEM J . 30.20 3.14 29.54
CGD HEM J . 30.56 2.74 30.95
O1D HEM J . 30.87 3.65 31.76
O2D HEM J . 30.53 1.53 31.26
NA HEM J . 31.60 7.03 24.66
NB HEM J . 30.87 6.86 21.86
NC HEM J . 30.13 4.08 22.23
ND HEM J . 30.86 4.22 25.06
FE HEM J . 30.87 5.54 23.44
#